data_6OTV
#
_entry.id   6OTV
#
_cell.length_a   77.416
_cell.length_b   77.416
_cell.length_c   174.266
_cell.angle_alpha   90.000
_cell.angle_beta   90.000
_cell.angle_gamma   120.000
#
_symmetry.space_group_name_H-M   'P 32'
#
loop_
_entity.id
_entity.type
_entity.pdbx_description
1 polymer 'Putative isomerase YbhH'
2 non-polymer 'ACETATE ION'
3 non-polymer 1,2-ETHANEDIOL
4 non-polymer 'PHOSPHATE ION'
5 water water
#
_entity_poly.entity_id   1
_entity_poly.type   'polypeptide(L)'
_entity_poly.pdbx_seq_one_letter_code
;MKKIPCVMMRGGTSRGAFLLAEHLPEDQTQRDKILMAIMGSGNDLEIDGIGGGNPLTSKVAIISRSSDPRADVDYLFAQV
IVHEQRVDTTPNCGNMLSGVGAFAIENGLIAATSPVTRVRIRNVNTGTFIEADVQTPNGVVEYEGSARIDGVPGTAAPVA
LTFLNAAGTKTGKVFPTDNQIDYFDDVPVTCIDMAMPVVIIPAEYLGKTGYELPAELDADKALLARIESIRLQAGKAMGL
GDVSNMVIPKPVLISPAQKGGAINVRYFMPHSCHRALAITGAIAISSSCALEGTVTRQIVPSVGYGNINIEHPSGALDVH
LSNEGQDATTLRASVIRTTRKIFSGEVYLP
;
_entity_poly.pdbx_strand_id   A,B
#
loop_
_chem_comp.id
_chem_comp.type
_chem_comp.name
_chem_comp.formula
ACT non-polymer 'ACETATE ION' 'C2 H3 O2 -1'
EDO non-polymer 1,2-ETHANEDIOL 'C2 H6 O2'
PO4 non-polymer 'PHOSPHATE ION' 'O4 P -3'
#
# COMPACT_ATOMS: atom_id res chain seq x y z
N MET A 1 -7.38 20.81 30.02
CA MET A 1 -5.98 20.42 29.83
C MET A 1 -5.06 21.63 30.01
N LYS A 2 -4.00 21.46 30.80
CA LYS A 2 -3.08 22.55 31.08
C LYS A 2 -1.67 22.32 30.55
N LYS A 3 -1.32 21.08 30.20
CA LYS A 3 -0.01 20.79 29.62
C LYS A 3 -0.12 19.55 28.75
N ILE A 4 0.80 19.43 27.81
CA ILE A 4 0.80 18.33 26.86
C ILE A 4 2.22 18.09 26.34
N PRO A 5 2.66 16.84 26.24
CA PRO A 5 3.96 16.57 25.59
C PRO A 5 3.95 17.04 24.14
N CYS A 6 5.09 17.59 23.72
CA CYS A 6 5.16 18.19 22.39
C CYS A 6 6.60 18.15 21.88
N VAL A 7 6.73 18.06 20.56
CA VAL A 7 8.02 18.11 19.89
C VAL A 7 7.91 19.10 18.74
N MET A 8 8.76 20.12 18.74
CA MET A 8 8.84 21.02 17.60
C MET A 8 9.89 20.50 16.63
N MET A 9 9.52 20.43 15.36
CA MET A 9 10.44 20.02 14.32
C MET A 9 10.31 20.97 13.14
N ARG A 10 11.44 21.20 12.47
CA ARG A 10 11.40 21.76 11.13
C ARG A 10 11.13 20.61 10.16
N GLY A 11 10.06 20.73 9.37
CA GLY A 11 9.80 19.80 8.31
C GLY A 11 9.94 20.49 6.97
N GLY A 12 11.05 20.27 6.29
CA GLY A 12 11.31 20.99 5.05
C GLY A 12 11.40 22.46 5.32
N THR A 13 10.55 23.24 4.64
CA THR A 13 10.50 24.69 4.80
C THR A 13 9.41 25.14 5.77
N SER A 14 8.92 24.22 6.61
CA SER A 14 7.88 24.51 7.58
C SER A 14 8.36 24.09 8.96
N ARG A 15 7.65 24.56 9.99
CA ARG A 15 7.96 24.25 11.37
C ARG A 15 6.67 24.21 12.17
N GLY A 16 6.62 23.33 13.16
CA GLY A 16 5.44 23.27 14.01
C GLY A 16 5.53 22.15 15.02
N ALA A 17 4.41 21.90 15.69
CA ALA A 17 4.33 20.88 16.73
C ALA A 17 4.05 19.52 16.13
N PHE A 18 4.74 18.52 16.65
CA PHE A 18 4.49 17.12 16.35
C PHE A 18 3.96 16.46 17.63
N LEU A 19 2.74 15.92 17.54
CA LEU A 19 2.02 15.43 18.70
C LEU A 19 1.57 13.99 18.45
N LEU A 20 1.49 13.22 19.53
CA LEU A 20 0.88 11.90 19.49
C LEU A 20 -0.62 12.04 19.72
N ALA A 21 -1.40 11.32 18.92
CA ALA A 21 -2.86 11.40 19.04
C ALA A 21 -3.35 10.94 20.40
N GLU A 22 -2.57 10.11 21.11
CA GLU A 22 -2.94 9.70 22.46
C GLU A 22 -3.19 10.90 23.36
N HIS A 23 -2.41 11.97 23.19
CA HIS A 23 -2.40 13.08 24.12
C HIS A 23 -3.44 14.15 23.80
N LEU A 24 -4.36 13.87 22.87
CA LEU A 24 -5.37 14.82 22.47
C LEU A 24 -6.76 14.22 22.66
N PRO A 25 -7.76 15.04 22.98
CA PRO A 25 -9.11 14.52 23.14
C PRO A 25 -9.75 14.17 21.80
N GLU A 26 -10.74 13.28 21.86
CA GLU A 26 -11.40 12.85 20.64
C GLU A 26 -12.35 13.91 20.11
N ASP A 27 -12.89 14.75 20.98
CA ASP A 27 -13.80 15.81 20.55
C ASP A 27 -13.04 16.82 19.70
N GLN A 28 -13.56 17.09 18.50
CA GLN A 28 -12.85 17.93 17.54
C GLN A 28 -12.75 19.37 18.01
N THR A 29 -13.78 19.86 18.72
CA THR A 29 -13.75 21.25 19.17
C THR A 29 -12.71 21.44 20.27
N GLN A 30 -12.68 20.54 21.24
CA GLN A 30 -11.67 20.63 22.31
C GLN A 30 -10.27 20.44 21.75
N ARG A 31 -10.11 19.49 20.80
CA ARG A 31 -8.81 19.28 20.19
C ARG A 31 -8.30 20.55 19.50
N ASP A 32 -9.18 21.21 18.74
CA ASP A 32 -8.77 22.41 18.03
C ASP A 32 -8.41 23.54 19.00
N LYS A 33 -9.13 23.66 20.10
CA LYS A 33 -8.77 24.66 21.11
C LYS A 33 -7.37 24.41 21.66
N ILE A 34 -7.01 23.15 21.86
CA ILE A 34 -5.68 22.83 22.35
C ILE A 34 -4.63 23.21 21.32
N LEU A 35 -4.89 22.91 20.04
CA LEU A 35 -3.94 23.24 18.99
C LEU A 35 -3.71 24.74 18.90
N MET A 36 -4.78 25.54 19.04
CA MET A 36 -4.63 26.99 19.03
C MET A 36 -3.80 27.44 20.21
N ALA A 37 -4.03 26.86 21.39
CA ALA A 37 -3.28 27.25 22.58
C ALA A 37 -1.81 26.85 22.48
N ILE A 38 -1.50 25.77 21.77
CA ILE A 38 -0.12 25.38 21.60
C ILE A 38 0.63 26.39 20.75
N MET A 39 0.00 26.84 19.65
CA MET A 39 0.65 27.74 18.71
C MET A 39 0.56 29.21 19.11
N GLY A 40 -0.39 29.58 19.95
CA GLY A 40 -0.62 30.99 20.21
C GLY A 40 -1.47 31.65 19.15
N SER A 41 -2.42 30.91 18.59
CA SER A 41 -3.30 31.46 17.56
C SER A 41 -4.05 32.68 18.07
N GLY A 42 -4.20 33.68 17.22
CA GLY A 42 -4.92 34.90 17.53
C GLY A 42 -4.07 36.13 17.69
N ASN A 43 -2.75 36.00 17.63
CA ASN A 43 -1.83 37.13 17.74
C ASN A 43 -0.90 37.10 16.53
N ASP A 44 -0.65 38.30 15.97
N ASP A 44 -0.62 38.29 15.98
CA ASP A 44 0.14 38.38 14.74
CA ASP A 44 0.13 38.38 14.73
C ASP A 44 1.52 37.73 14.90
C ASP A 44 1.56 37.84 14.88
N LEU A 45 2.10 37.79 16.09
CA LEU A 45 3.38 37.16 16.35
C LEU A 45 3.24 35.82 17.06
N GLU A 46 2.01 35.41 17.39
CA GLU A 46 1.76 34.26 18.24
C GLU A 46 2.59 34.34 19.51
N ILE A 47 2.47 35.49 20.18
CA ILE A 47 3.34 35.83 21.29
C ILE A 47 3.13 34.92 22.50
N ASP A 48 1.97 34.27 22.60
CA ASP A 48 1.66 33.45 23.76
C ASP A 48 1.66 31.96 23.43
N GLY A 49 2.34 31.56 22.36
CA GLY A 49 2.47 30.16 22.02
C GLY A 49 3.83 29.84 21.43
N ILE A 50 3.98 28.65 20.84
CA ILE A 50 5.26 28.28 20.24
C ILE A 50 5.32 28.59 18.74
N GLY A 51 4.22 29.03 18.15
CA GLY A 51 4.25 29.35 16.74
C GLY A 51 5.10 30.57 16.44
N GLY A 52 5.50 30.68 15.18
CA GLY A 52 6.34 31.79 14.76
C GLY A 52 5.59 32.97 14.18
N GLY A 53 4.26 33.00 14.25
CA GLY A 53 3.49 34.11 13.70
C GLY A 53 3.37 34.11 12.20
N ASN A 54 3.74 33.03 11.54
CA ASN A 54 3.70 32.89 10.09
C ASN A 54 3.08 31.54 9.75
N PRO A 55 2.28 31.45 8.68
CA PRO A 55 1.69 30.15 8.33
C PRO A 55 2.70 29.02 8.21
N LEU A 56 3.92 29.32 7.73
CA LEU A 56 4.95 28.30 7.60
C LEU A 56 5.41 27.77 8.96
N THR A 57 5.24 28.54 10.03
CA THR A 57 5.71 28.18 11.36
C THR A 57 4.56 28.06 12.35
N SER A 58 3.36 27.73 11.85
CA SER A 58 2.17 27.60 12.68
C SER A 58 1.38 26.37 12.24
N LYS A 59 2.06 25.23 12.17
CA LYS A 59 1.49 24.00 11.69
C LYS A 59 1.55 22.93 12.77
N VAL A 60 0.72 21.90 12.62
CA VAL A 60 0.65 20.79 13.57
C VAL A 60 0.59 19.48 12.78
N ALA A 61 1.33 18.47 13.25
CA ALA A 61 1.24 17.11 12.75
C ALA A 61 0.86 16.20 13.90
N ILE A 62 -0.26 15.48 13.75
CA ILE A 62 -0.76 14.57 14.77
C ILE A 62 -0.48 13.15 14.28
N ILE A 63 0.38 12.43 14.99
CA ILE A 63 0.93 11.15 14.54
C ILE A 63 0.40 10.04 15.45
N SER A 64 0.10 8.89 14.85
CA SER A 64 -0.35 7.72 15.60
C SER A 64 -0.07 6.48 14.76
N ARG A 65 -0.16 5.33 15.41
CA ARG A 65 -0.11 4.07 14.68
C ARG A 65 -1.31 4.00 13.74
N SER A 66 -1.08 3.50 12.53
CA SER A 66 -2.10 3.58 11.49
C SER A 66 -3.27 2.65 11.78
N SER A 67 -4.47 3.17 11.54
CA SER A 67 -5.69 2.36 11.55
C SER A 67 -5.83 1.52 10.29
N ASP A 68 -5.06 1.81 9.26
CA ASP A 68 -5.09 1.11 7.97
C ASP A 68 -4.01 0.05 7.95
N PRO A 69 -4.34 -1.19 7.59
CA PRO A 69 -3.31 -2.25 7.57
C PRO A 69 -2.22 -2.03 6.53
N ARG A 70 -2.42 -1.13 5.58
CA ARG A 70 -1.42 -0.88 4.54
C ARG A 70 -0.36 0.13 4.96
N ALA A 71 -0.54 0.83 6.08
CA ALA A 71 0.39 1.86 6.51
C ALA A 71 0.94 1.53 7.90
N ASP A 72 2.07 2.16 8.23
CA ASP A 72 2.64 2.03 9.56
C ASP A 72 2.08 3.08 10.52
N VAL A 73 2.10 4.34 10.12
CA VAL A 73 1.62 5.43 10.98
C VAL A 73 0.59 6.25 10.22
N ASP A 74 -0.32 6.86 10.97
CA ASP A 74 -1.27 7.83 10.45
C ASP A 74 -0.78 9.23 10.72
N TYR A 75 -1.04 10.13 9.78
CA TYR A 75 -0.56 11.51 9.84
C TYR A 75 -1.73 12.44 9.56
N LEU A 76 -2.13 13.22 10.56
CA LEU A 76 -3.18 14.22 10.42
C LEU A 76 -2.54 15.60 10.50
N PHE A 77 -2.71 16.40 9.45
CA PHE A 77 -2.16 17.75 9.41
C PHE A 77 -3.23 18.76 9.80
N ALA A 78 -2.80 19.82 10.49
CA ALA A 78 -3.67 20.92 10.85
C ALA A 78 -2.92 22.23 10.67
N GLN A 79 -3.57 23.20 10.03
CA GLN A 79 -3.05 24.55 9.91
C GLN A 79 -3.68 25.41 11.00
N VAL A 80 -2.86 25.97 11.87
CA VAL A 80 -3.33 26.83 12.95
C VAL A 80 -3.20 28.27 12.48
N ILE A 81 -4.36 28.91 12.26
CA ILE A 81 -4.37 30.26 11.71
C ILE A 81 -3.71 31.22 12.70
N VAL A 82 -3.01 32.22 12.16
CA VAL A 82 -2.25 33.15 12.99
C VAL A 82 -3.10 34.32 13.48
N HIS A 83 -3.74 35.04 12.56
N HIS A 83 -3.73 35.03 12.54
CA HIS A 83 -4.42 36.28 12.91
CA HIS A 83 -4.42 36.27 12.89
C HIS A 83 -5.81 36.08 13.48
C HIS A 83 -5.72 36.02 13.66
N GLU A 84 -6.32 34.85 13.52
CA GLU A 84 -7.57 34.54 14.20
C GLU A 84 -7.53 33.11 14.71
N GLN A 85 -8.34 32.84 15.73
CA GLN A 85 -8.38 31.54 16.39
C GLN A 85 -9.19 30.58 15.55
N ARG A 86 -8.51 29.92 14.61
CA ARG A 86 -9.15 28.98 13.70
C ARG A 86 -8.16 27.87 13.40
N VAL A 87 -8.69 26.68 13.10
CA VAL A 87 -7.89 25.53 12.68
C VAL A 87 -8.43 25.04 11.35
N ASP A 88 -7.52 24.77 10.40
CA ASP A 88 -7.87 24.25 9.09
C ASP A 88 -7.14 22.93 8.88
N THR A 89 -7.90 21.89 8.56
CA THR A 89 -7.36 20.55 8.34
C THR A 89 -7.61 20.05 6.93
N THR A 90 -7.73 20.97 5.96
CA THR A 90 -8.01 20.55 4.58
C THR A 90 -6.79 19.93 3.92
N PRO A 91 -5.65 20.62 3.76
CA PRO A 91 -4.62 20.13 2.85
C PRO A 91 -3.75 19.04 3.47
N ASN A 92 -2.87 18.51 2.63
CA ASN A 92 -1.80 17.61 3.04
C ASN A 92 -0.49 18.38 2.88
N CYS A 93 0.11 18.75 4.01
CA CYS A 93 1.36 19.52 3.98
C CYS A 93 2.52 18.56 3.75
N GLY A 94 3.14 18.67 2.58
CA GLY A 94 4.24 17.78 2.25
C GLY A 94 5.53 18.10 2.97
N ASN A 95 5.69 19.34 3.43
CA ASN A 95 6.90 19.69 4.16
C ASN A 95 6.85 19.17 5.60
N MET A 96 5.73 19.35 6.29
CA MET A 96 5.59 18.75 7.60
C MET A 96 5.66 17.23 7.53
N LEU A 97 5.22 16.66 6.40
CA LEU A 97 5.36 15.22 6.17
C LEU A 97 6.80 14.76 6.33
N SER A 98 7.77 15.65 6.03
CA SER A 98 9.18 15.28 6.12
C SER A 98 9.58 14.85 7.51
N GLY A 99 8.89 15.34 8.55
CA GLY A 99 9.24 14.99 9.91
C GLY A 99 8.52 13.79 10.48
N VAL A 100 7.49 13.29 9.80
CA VAL A 100 6.64 12.26 10.37
C VAL A 100 7.43 10.98 10.63
N GLY A 101 8.22 10.54 9.64
CA GLY A 101 8.92 9.28 9.78
C GLY A 101 9.92 9.28 10.92
N ALA A 102 10.73 10.34 11.01
CA ALA A 102 11.71 10.43 12.09
C ALA A 102 11.01 10.54 13.45
N PHE A 103 9.88 11.25 13.50
CA PHE A 103 9.14 11.36 14.75
C PHE A 103 8.56 10.01 15.17
N ALA A 104 8.07 9.23 14.20
CA ALA A 104 7.50 7.93 14.54
C ALA A 104 8.56 6.98 15.07
N ILE A 105 9.79 7.06 14.54
CA ILE A 105 10.86 6.18 15.01
C ILE A 105 11.30 6.59 16.41
N GLU A 106 11.47 7.89 16.65
CA GLU A 106 11.91 8.34 17.97
C GLU A 106 10.89 8.06 19.06
N ASN A 107 9.61 7.92 18.71
CA ASN A 107 8.55 7.69 19.69
C ASN A 107 8.07 6.24 19.68
N GLY A 108 8.83 5.32 19.10
CA GLY A 108 8.52 3.91 19.18
C GLY A 108 7.29 3.45 18.43
N LEU A 109 6.82 4.21 17.44
CA LEU A 109 5.70 3.77 16.62
C LEU A 109 6.10 2.76 15.56
N ILE A 110 7.39 2.59 15.30
CA ILE A 110 7.88 1.61 14.34
C ILE A 110 9.33 1.31 14.68
N ALA A 111 9.73 0.06 14.47
CA ALA A 111 11.11 -0.35 14.73
C ALA A 111 12.04 0.18 13.65
N ALA A 112 13.24 0.58 14.06
CA ALA A 112 14.23 1.10 13.13
C ALA A 112 15.05 -0.03 12.53
N THR A 113 15.41 0.14 11.27
CA THR A 113 16.39 -0.70 10.61
C THR A 113 17.65 0.13 10.34
N SER A 114 18.58 -0.43 9.56
CA SER A 114 19.85 0.22 9.30
C SER A 114 20.29 -0.14 7.89
N PRO A 115 20.88 0.80 7.13
CA PRO A 115 21.15 2.19 7.54
C PRO A 115 19.98 3.14 7.25
N VAL A 116 18.87 2.59 6.76
CA VAL A 116 17.67 3.35 6.44
C VAL A 116 16.47 2.61 7.01
N THR A 117 15.46 3.36 7.43
CA THR A 117 14.20 2.81 7.93
C THR A 117 13.07 3.31 7.04
N ARG A 118 12.32 2.36 6.47
CA ARG A 118 11.15 2.69 5.67
C ARG A 118 9.95 2.90 6.58
N VAL A 119 9.20 3.98 6.34
CA VAL A 119 8.01 4.29 7.12
C VAL A 119 6.85 4.52 6.16
N ARG A 120 5.82 3.70 6.27
CA ARG A 120 4.63 3.84 5.44
C ARG A 120 3.65 4.77 6.15
N ILE A 121 3.37 5.92 5.52
CA ILE A 121 2.58 6.98 6.12
C ILE A 121 1.27 7.11 5.37
N ARG A 122 0.16 7.16 6.09
CA ARG A 122 -1.14 7.48 5.53
C ARG A 122 -1.55 8.87 6.02
N ASN A 123 -1.72 9.80 5.07
CA ASN A 123 -2.20 11.14 5.41
C ASN A 123 -3.71 11.08 5.59
N VAL A 124 -4.18 11.29 6.83
CA VAL A 124 -5.60 11.19 7.13
C VAL A 124 -6.40 12.25 6.39
N ASN A 125 -5.79 13.40 6.12
CA ASN A 125 -6.52 14.50 5.48
C ASN A 125 -6.99 14.12 4.08
N THR A 126 -6.14 13.43 3.31
CA THR A 126 -6.42 13.15 1.91
C THR A 126 -6.54 11.67 1.58
N GLY A 127 -6.22 10.77 2.51
CA GLY A 127 -6.15 9.37 2.17
C GLY A 127 -4.96 8.98 1.32
N THR A 128 -4.01 9.89 1.12
CA THR A 128 -2.82 9.60 0.32
C THR A 128 -1.80 8.83 1.15
N PHE A 129 -1.18 7.84 0.52
CA PHE A 129 -0.14 7.03 1.16
C PHE A 129 1.23 7.48 0.66
N ILE A 130 2.14 7.71 1.60
CA ILE A 130 3.49 8.18 1.29
C ILE A 130 4.49 7.32 2.03
N GLU A 131 5.56 6.93 1.35
CA GLU A 131 6.67 6.25 2.01
C GLU A 131 7.77 7.26 2.31
N ALA A 132 8.26 7.26 3.55
CA ALA A 132 9.39 8.07 3.95
C ALA A 132 10.57 7.16 4.24
N ASP A 133 11.72 7.49 3.68
CA ASP A 133 12.96 6.74 3.90
C ASP A 133 13.87 7.60 4.77
N VAL A 134 14.03 7.17 6.02
CA VAL A 134 14.72 7.95 7.04
C VAL A 134 16.13 7.40 7.22
N GLN A 135 17.11 8.29 7.25
CA GLN A 135 18.48 7.91 7.57
C GLN A 135 18.54 7.44 9.01
N THR A 136 18.81 6.15 9.21
CA THR A 136 18.92 5.57 10.55
C THR A 136 20.16 4.69 10.63
N PRO A 137 21.35 5.29 10.64
CA PRO A 137 22.57 4.49 10.83
C PRO A 137 22.59 3.86 12.21
N ASN A 138 22.77 2.54 12.24
CA ASN A 138 22.76 1.75 13.47
C ASN A 138 21.44 1.87 14.22
N GLY A 139 20.35 2.10 13.49
CA GLY A 139 19.04 2.15 14.09
C GLY A 139 18.70 3.42 14.84
N VAL A 140 19.46 4.49 14.62
CA VAL A 140 19.25 5.76 15.31
C VAL A 140 19.00 6.84 14.25
N VAL A 141 17.91 7.60 14.44
CA VAL A 141 17.57 8.66 13.49
C VAL A 141 18.71 9.65 13.41
N GLU A 142 19.10 9.99 12.18
CA GLU A 142 20.18 10.92 11.91
C GLU A 142 19.61 12.16 11.26
N TYR A 143 19.88 13.33 11.86
CA TYR A 143 19.45 14.60 11.30
C TYR A 143 20.56 15.34 10.57
N GLU A 144 21.82 15.06 10.90
CA GLU A 144 22.95 15.67 10.21
C GLU A 144 23.14 15.05 8.83
N GLY A 145 23.61 15.86 7.89
CA GLY A 145 23.82 15.39 6.54
C GLY A 145 24.22 16.54 5.63
N SER A 146 24.37 16.21 4.35
CA SER A 146 24.84 17.17 3.36
C SER A 146 23.75 17.60 2.37
N ALA A 147 22.51 17.14 2.55
CA ALA A 147 21.45 17.54 1.64
C ALA A 147 21.08 19.01 1.88
N ARG A 148 20.62 19.65 0.81
CA ARG A 148 20.30 21.07 0.85
C ARG A 148 18.99 21.31 0.11
N ILE A 149 18.15 22.18 0.68
CA ILE A 149 16.89 22.57 0.07
C ILE A 149 16.75 24.08 0.15
N ASP A 150 16.04 24.66 -0.82
CA ASP A 150 15.79 26.08 -0.83
C ASP A 150 14.96 26.48 0.39
N GLY A 151 15.26 27.66 0.94
CA GLY A 151 14.50 28.21 2.04
C GLY A 151 15.01 27.85 3.41
N VAL A 152 15.97 26.93 3.52
CA VAL A 152 16.51 26.49 4.80
C VAL A 152 18.03 26.59 4.73
N PRO A 153 18.67 27.31 5.65
CA PRO A 153 20.13 27.42 5.60
C PRO A 153 20.81 26.11 5.98
N GLY A 154 22.08 26.00 5.57
CA GLY A 154 22.88 24.85 5.93
C GLY A 154 22.46 23.57 5.23
N THR A 155 22.97 22.46 5.77
CA THR A 155 22.68 21.13 5.23
C THR A 155 22.21 20.22 6.34
N ALA A 156 21.43 19.20 5.97
CA ALA A 156 20.94 18.21 6.91
C ALA A 156 20.79 16.88 6.18
N ALA A 157 20.34 15.88 6.92
CA ALA A 157 20.14 14.56 6.35
C ALA A 157 18.95 14.58 5.39
N PRO A 158 19.08 13.96 4.22
CA PRO A 158 17.93 13.88 3.30
C PRO A 158 16.89 12.87 3.80
N VAL A 159 15.63 13.21 3.59
CA VAL A 159 14.52 12.27 3.77
C VAL A 159 13.79 12.17 2.44
N ALA A 160 13.60 10.94 1.96
CA ALA A 160 12.95 10.70 0.68
C ALA A 160 11.46 10.45 0.92
N LEU A 161 10.62 11.18 0.18
CA LEU A 161 9.17 11.07 0.29
C LEU A 161 8.64 10.59 -1.05
N THR A 162 8.10 9.38 -1.08
CA THR A 162 7.58 8.76 -2.30
C THR A 162 6.06 8.64 -2.19
N PHE A 163 5.35 9.27 -3.12
CA PHE A 163 3.89 9.24 -3.13
C PHE A 163 3.40 8.00 -3.86
N LEU A 164 2.49 7.26 -3.22
CA LEU A 164 2.16 5.90 -3.63
C LEU A 164 0.84 5.79 -4.39
N ASN A 165 -0.11 6.69 -4.16
CA ASN A 165 -1.40 6.65 -4.85
C ASN A 165 -1.84 8.05 -5.24
N ALA A 166 -0.96 8.77 -5.94
CA ALA A 166 -1.25 10.15 -6.33
C ALA A 166 -2.27 10.23 -7.46
N ALA A 167 -2.34 9.19 -8.31
CA ALA A 167 -3.25 9.20 -9.44
C ALA A 167 -4.71 9.25 -8.99
N GLY A 168 -5.42 10.30 -9.41
CA GLY A 168 -6.84 10.43 -9.13
C GLY A 168 -7.19 10.57 -7.66
N THR A 169 -6.48 11.44 -6.95
CA THR A 169 -6.68 11.57 -5.50
C THR A 169 -8.09 12.05 -5.17
N LYS A 170 -8.68 12.90 -6.01
CA LYS A 170 -10.03 13.39 -5.78
C LYS A 170 -11.03 12.91 -6.82
N THR A 171 -10.58 12.49 -7.99
CA THR A 171 -11.45 12.06 -9.08
C THR A 171 -11.46 10.55 -9.26
N GLY A 172 -10.29 9.91 -9.26
CA GLY A 172 -10.16 8.53 -9.66
C GLY A 172 -9.59 8.34 -11.05
N LYS A 173 -9.38 9.43 -11.78
CA LYS A 173 -8.73 9.39 -13.09
C LYS A 173 -7.62 10.43 -13.12
N VAL A 174 -6.55 10.10 -13.87
CA VAL A 174 -5.47 11.07 -14.05
C VAL A 174 -5.97 12.27 -14.84
N PHE A 175 -6.74 12.03 -15.90
CA PHE A 175 -7.36 13.09 -16.68
C PHE A 175 -8.88 12.97 -16.53
N PRO A 176 -9.48 13.67 -15.56
CA PRO A 176 -10.93 13.50 -15.32
C PRO A 176 -11.79 13.87 -16.52
N THR A 177 -11.35 14.81 -17.35
CA THR A 177 -12.11 15.18 -18.53
C THR A 177 -11.90 14.22 -19.70
N ASP A 178 -11.12 13.16 -19.50
CA ASP A 178 -10.78 12.18 -20.53
C ASP A 178 -10.04 12.82 -21.70
N ASN A 179 -9.46 14.00 -21.49
CA ASN A 179 -8.66 14.68 -22.50
C ASN A 179 -7.37 15.17 -21.87
N GLN A 180 -6.26 14.97 -22.58
CA GLN A 180 -4.99 15.51 -22.11
C GLN A 180 -4.97 17.03 -22.21
N ILE A 181 -5.68 17.59 -23.19
CA ILE A 181 -5.79 19.04 -23.35
C ILE A 181 -7.27 19.39 -23.51
N ASP A 182 -7.71 20.40 -22.75
CA ASP A 182 -9.04 20.97 -22.89
C ASP A 182 -8.92 22.43 -23.29
N TYR A 183 -10.05 23.03 -23.65
CA TYR A 183 -10.10 24.42 -24.06
C TYR A 183 -11.22 25.13 -23.32
N PHE A 184 -10.87 26.23 -22.65
CA PHE A 184 -11.83 27.07 -21.96
C PHE A 184 -11.46 28.51 -22.24
N ASP A 185 -12.43 29.28 -22.75
CA ASP A 185 -12.20 30.67 -23.13
C ASP A 185 -11.06 30.79 -24.14
N ASP A 186 -11.01 29.85 -25.09
CA ASP A 186 -10.02 29.81 -26.15
C ASP A 186 -8.59 29.74 -25.62
N VAL A 187 -8.41 29.13 -24.45
CA VAL A 187 -7.11 28.95 -23.82
C VAL A 187 -6.85 27.45 -23.71
N PRO A 188 -5.80 26.91 -24.33
CA PRO A 188 -5.49 25.48 -24.17
C PRO A 188 -4.94 25.21 -22.78
N VAL A 189 -5.63 24.33 -22.04
CA VAL A 189 -5.23 23.98 -20.68
C VAL A 189 -5.17 22.45 -20.57
N THR A 190 -4.67 21.99 -19.44
CA THR A 190 -4.63 20.56 -19.12
C THR A 190 -5.20 20.32 -17.73
N CYS A 191 -6.19 19.43 -17.66
CA CYS A 191 -6.79 19.05 -16.39
C CYS A 191 -6.23 17.70 -15.97
N ILE A 192 -5.52 17.67 -14.84
CA ILE A 192 -4.86 16.47 -14.36
C ILE A 192 -5.05 16.36 -12.86
N ASP A 193 -5.20 15.13 -12.38
CA ASP A 193 -5.41 14.81 -10.97
C ASP A 193 -4.28 13.89 -10.54
N MET A 194 -3.16 14.49 -10.10
CA MET A 194 -2.00 13.76 -9.61
C MET A 194 -1.59 14.40 -8.27
N ALA A 195 -1.91 13.72 -7.17
CA ALA A 195 -1.69 14.21 -5.81
C ALA A 195 -2.54 15.44 -5.50
N MET A 196 -2.99 16.15 -6.54
CA MET A 196 -3.82 17.34 -6.40
C MET A 196 -4.50 17.61 -7.73
N PRO A 197 -5.81 17.85 -7.73
CA PRO A 197 -6.47 18.30 -8.97
C PRO A 197 -6.03 19.71 -9.33
N VAL A 198 -5.42 19.86 -10.50
CA VAL A 198 -4.95 21.16 -10.96
C VAL A 198 -5.38 21.36 -12.41
N VAL A 199 -5.50 22.62 -12.80
CA VAL A 199 -5.70 23.01 -14.19
C VAL A 199 -4.48 23.82 -14.62
N ILE A 200 -3.76 23.30 -15.60
CA ILE A 200 -2.49 23.87 -16.02
C ILE A 200 -2.74 24.84 -17.17
N ILE A 201 -2.40 26.10 -16.96
CA ILE A 201 -2.71 27.18 -17.90
C ILE A 201 -1.41 27.85 -18.28
N PRO A 202 -1.10 27.98 -19.57
CA PRO A 202 0.08 28.76 -19.98
C PRO A 202 -0.10 30.24 -19.63
N ALA A 203 0.91 30.79 -18.95
CA ALA A 203 0.82 32.18 -18.50
C ALA A 203 0.67 33.14 -19.67
N GLU A 204 1.35 32.87 -20.79
CA GLU A 204 1.33 33.80 -21.92
C GLU A 204 -0.06 33.91 -22.54
N TYR A 205 -0.88 32.86 -22.44
CA TYR A 205 -2.22 32.95 -23.00
C TYR A 205 -3.13 33.86 -22.18
N LEU A 206 -2.74 34.22 -20.97
CA LEU A 206 -3.47 35.20 -20.17
C LEU A 206 -2.75 36.56 -20.13
N GLY A 207 -1.84 36.80 -21.06
CA GLY A 207 -1.15 38.08 -21.12
C GLY A 207 -0.10 38.27 -20.07
N LYS A 208 0.43 37.20 -19.50
CA LYS A 208 1.44 37.27 -18.45
C LYS A 208 2.69 36.52 -18.88
N THR A 209 3.84 37.01 -18.42
CA THR A 209 5.08 36.28 -18.66
C THR A 209 5.15 35.01 -17.83
N GLY A 210 4.57 35.04 -16.63
CA GLY A 210 4.69 33.94 -15.69
C GLY A 210 5.79 34.12 -14.66
N TYR A 211 6.59 35.17 -14.79
CA TYR A 211 7.69 35.42 -13.87
C TYR A 211 7.39 36.56 -12.91
N GLU A 212 6.17 37.08 -12.93
CA GLU A 212 5.79 38.17 -12.03
C GLU A 212 5.76 37.70 -10.58
N LEU A 213 5.96 38.64 -9.67
CA LEU A 213 5.91 38.32 -8.25
C LEU A 213 4.48 37.94 -7.84
N PRO A 214 4.35 37.10 -6.81
CA PRO A 214 3.00 36.75 -6.33
C PRO A 214 2.14 37.95 -5.98
N ALA A 215 2.74 39.02 -5.43
CA ALA A 215 1.97 40.20 -5.08
C ALA A 215 1.45 40.91 -6.33
N GLU A 216 2.30 41.01 -7.37
CA GLU A 216 1.87 41.65 -8.60
C GLU A 216 0.74 40.87 -9.26
N LEU A 217 0.78 39.54 -9.17
CA LEU A 217 -0.27 38.72 -9.76
C LEU A 217 -1.58 38.88 -8.99
N ASP A 218 -1.50 39.03 -7.67
CA ASP A 218 -2.70 39.22 -6.87
C ASP A 218 -3.33 40.59 -7.11
N ALA A 219 -2.53 41.58 -7.49
CA ALA A 219 -3.08 42.92 -7.74
C ALA A 219 -3.84 42.97 -9.06
N ASP A 220 -3.43 42.19 -10.05
CA ASP A 220 -4.11 42.16 -11.34
C ASP A 220 -5.48 41.50 -11.19
N LYS A 221 -6.50 42.28 -10.86
CA LYS A 221 -7.83 41.73 -10.64
C LYS A 221 -8.45 41.21 -11.94
N ALA A 222 -8.07 41.78 -13.07
CA ALA A 222 -8.55 41.28 -14.36
C ALA A 222 -7.98 39.89 -14.64
N LEU A 223 -6.73 39.64 -14.24
CA LEU A 223 -6.14 38.31 -14.41
C LEU A 223 -6.82 37.30 -13.50
N LEU A 224 -7.05 37.67 -12.23
CA LEU A 224 -7.71 36.77 -11.29
C LEU A 224 -9.12 36.42 -11.74
N ALA A 225 -9.78 37.34 -12.46
CA ALA A 225 -11.09 37.03 -13.01
C ALA A 225 -11.00 36.03 -14.15
N ARG A 226 -10.04 36.24 -15.07
CA ARG A 226 -9.86 35.29 -16.16
C ARG A 226 -9.45 33.92 -15.66
N ILE A 227 -8.67 33.85 -14.58
CA ILE A 227 -8.29 32.57 -14.01
C ILE A 227 -9.50 31.87 -13.41
N GLU A 228 -10.37 32.62 -12.71
CA GLU A 228 -11.55 32.02 -12.09
C GLU A 228 -12.51 31.48 -13.15
N SER A 229 -12.68 32.21 -14.25
CA SER A 229 -13.55 31.74 -15.33
C SER A 229 -13.11 30.36 -15.83
N ILE A 230 -11.80 30.14 -15.92
CA ILE A 230 -11.30 28.85 -16.37
C ILE A 230 -11.38 27.80 -15.26
N ARG A 231 -11.21 28.22 -14.01
CA ARG A 231 -11.21 27.25 -12.91
C ARG A 231 -12.60 26.70 -12.67
N LEU A 232 -13.60 27.58 -12.57
CA LEU A 232 -14.98 27.12 -12.42
C LEU A 232 -15.38 26.22 -13.58
N GLN A 233 -14.95 26.57 -14.80
CA GLN A 233 -15.26 25.74 -15.97
C GLN A 233 -14.52 24.42 -15.92
N ALA A 234 -13.26 24.43 -15.46
CA ALA A 234 -12.48 23.20 -15.42
C ALA A 234 -12.98 22.26 -14.33
N GLY A 235 -13.39 22.81 -13.19
CA GLY A 235 -13.91 21.97 -12.12
C GLY A 235 -15.17 21.22 -12.53
N LYS A 236 -16.10 21.91 -13.18
CA LYS A 236 -17.31 21.24 -13.66
C LYS A 236 -16.99 20.21 -14.72
N ALA A 237 -15.93 20.43 -15.50
CA ALA A 237 -15.55 19.49 -16.54
C ALA A 237 -14.81 18.27 -15.99
N MET A 238 -14.19 18.38 -14.82
CA MET A 238 -13.45 17.28 -14.23
C MET A 238 -14.29 16.42 -13.30
N GLY A 239 -15.60 16.43 -13.44
CA GLY A 239 -16.47 15.62 -12.63
C GLY A 239 -16.90 16.25 -11.32
N LEU A 240 -16.51 17.50 -11.07
CA LEU A 240 -16.97 18.22 -9.90
C LEU A 240 -18.08 19.18 -10.33
N GLY A 241 -18.42 20.14 -9.49
CA GLY A 241 -19.45 21.10 -9.83
C GLY A 241 -19.57 22.22 -8.82
N ASP A 242 -19.67 23.46 -9.31
CA ASP A 242 -19.71 24.64 -8.45
C ASP A 242 -18.55 24.63 -7.45
N VAL A 243 -17.35 24.72 -8.01
CA VAL A 243 -16.13 24.78 -7.21
C VAL A 243 -15.94 26.20 -6.66
N SER A 244 -16.98 27.04 -6.77
CA SER A 244 -16.89 28.44 -6.38
C SER A 244 -16.45 28.63 -4.92
N ASN A 245 -16.78 27.68 -4.05
CA ASN A 245 -16.35 27.72 -2.66
C ASN A 245 -15.39 26.60 -2.29
N MET A 246 -15.06 25.72 -3.23
CA MET A 246 -14.04 24.72 -3.00
C MET A 246 -12.66 25.29 -3.30
N VAL A 247 -11.63 24.67 -2.72
CA VAL A 247 -10.25 25.06 -2.94
C VAL A 247 -9.59 24.25 -4.06
N ILE A 248 -10.37 23.44 -4.77
CA ILE A 248 -9.85 22.69 -5.91
C ILE A 248 -10.75 22.95 -7.11
N PRO A 249 -10.24 22.83 -8.36
CA PRO A 249 -8.84 22.53 -8.67
C PRO A 249 -7.94 23.74 -8.46
N LYS A 250 -6.67 23.52 -8.16
CA LYS A 250 -5.73 24.61 -8.00
C LYS A 250 -5.22 25.02 -9.37
N PRO A 251 -5.49 26.24 -9.84
CA PRO A 251 -4.97 26.68 -11.13
C PRO A 251 -3.48 26.99 -11.04
N VAL A 252 -2.75 26.62 -12.09
CA VAL A 252 -1.30 26.78 -12.14
C VAL A 252 -0.94 27.47 -13.45
N LEU A 253 -0.35 28.66 -13.36
CA LEU A 253 0.22 29.32 -14.53
C LEU A 253 1.63 28.77 -14.77
N ILE A 254 1.89 28.36 -16.01
CA ILE A 254 3.20 27.77 -16.34
C ILE A 254 3.87 28.60 -17.42
N SER A 255 5.19 28.56 -17.40
CA SER A 255 6.05 29.23 -18.36
C SER A 255 7.40 28.52 -18.35
N PRO A 256 8.23 28.71 -19.38
CA PRO A 256 9.53 28.04 -19.40
C PRO A 256 10.39 28.44 -18.20
N ALA A 257 11.27 27.53 -17.81
CA ALA A 257 12.19 27.81 -16.71
C ALA A 257 13.18 28.90 -17.09
N GLN A 258 13.66 29.61 -16.07
CA GLN A 258 14.64 30.68 -16.27
C GLN A 258 16.03 30.36 -15.74
N LYS A 259 16.14 29.47 -14.75
CA LYS A 259 17.41 29.19 -14.09
C LYS A 259 17.87 27.74 -14.32
N GLY A 260 17.53 27.16 -15.46
CA GLY A 260 18.00 25.85 -15.83
C GLY A 260 17.07 24.69 -15.53
N GLY A 261 15.95 24.94 -14.86
CA GLY A 261 15.02 23.88 -14.53
C GLY A 261 14.18 23.43 -15.72
N ALA A 262 13.16 22.64 -15.42
CA ALA A 262 12.28 22.12 -16.46
C ALA A 262 11.12 23.05 -16.77
N ILE A 263 10.64 23.82 -15.79
CA ILE A 263 9.43 24.63 -15.97
C ILE A 263 9.36 25.64 -14.83
N ASN A 264 8.66 26.74 -15.06
CA ASN A 264 8.39 27.75 -14.05
C ASN A 264 6.88 27.81 -13.83
N VAL A 265 6.46 27.92 -12.58
CA VAL A 265 5.04 27.85 -12.25
C VAL A 265 4.65 28.99 -11.31
N ARG A 266 3.36 29.35 -11.37
CA ARG A 266 2.73 30.23 -10.40
C ARG A 266 1.50 29.50 -9.88
N TYR A 267 1.55 29.13 -8.59
CA TYR A 267 0.58 28.21 -7.99
C TYR A 267 -0.50 29.01 -7.26
N PHE A 268 -1.74 28.88 -7.72
CA PHE A 268 -2.86 29.60 -7.12
C PHE A 268 -3.65 28.70 -6.19
N MET A 269 -4.07 29.25 -5.05
CA MET A 269 -4.53 28.42 -3.93
C MET A 269 -6.00 28.55 -3.54
N PRO A 270 -6.96 28.72 -4.47
CA PRO A 270 -6.98 28.92 -5.92
C PRO A 270 -7.07 30.40 -6.31
N HIS A 271 -7.25 31.26 -5.31
CA HIS A 271 -7.46 32.68 -5.56
C HIS A 271 -6.15 33.46 -5.50
N SER A 272 -5.35 33.24 -4.46
CA SER A 272 -4.09 33.95 -4.27
C SER A 272 -2.92 33.13 -4.82
N CYS A 273 -1.83 33.82 -5.11
CA CYS A 273 -0.64 33.19 -5.66
C CYS A 273 0.26 32.71 -4.52
N HIS A 274 0.57 31.40 -4.53
CA HIS A 274 1.48 30.82 -3.55
C HIS A 274 2.84 31.49 -3.65
N ARG A 275 3.43 31.83 -2.50
CA ARG A 275 4.77 32.39 -2.47
C ARG A 275 5.83 31.38 -2.89
N ALA A 276 5.55 30.09 -2.78
CA ALA A 276 6.45 29.04 -3.24
C ALA A 276 5.67 28.06 -4.10
N LEU A 277 5.57 26.81 -3.66
CA LEU A 277 4.86 25.78 -4.40
C LEU A 277 4.56 24.61 -3.47
N ALA A 278 3.33 24.12 -3.54
CA ALA A 278 2.95 22.94 -2.75
C ALA A 278 3.56 21.68 -3.34
N ILE A 279 3.96 20.76 -2.46
CA ILE A 279 4.55 19.50 -2.91
C ILE A 279 3.56 18.75 -3.80
N THR A 280 2.28 18.71 -3.41
CA THR A 280 1.28 18.04 -4.23
C THR A 280 1.15 18.70 -5.59
N GLY A 281 1.18 20.04 -5.62
CA GLY A 281 1.19 20.73 -6.90
C GLY A 281 2.41 20.38 -7.73
N ALA A 282 3.56 20.23 -7.07
CA ALA A 282 4.77 19.84 -7.79
C ALA A 282 4.64 18.46 -8.40
N ILE A 283 3.94 17.55 -7.72
CA ILE A 283 3.70 16.22 -8.28
C ILE A 283 2.89 16.33 -9.57
N ALA A 284 1.82 17.11 -9.53
CA ALA A 284 0.92 17.23 -10.68
C ALA A 284 1.64 17.85 -11.87
N ILE A 285 2.36 18.96 -11.65
CA ILE A 285 3.02 19.66 -12.74
C ILE A 285 4.11 18.81 -13.35
N SER A 286 4.95 18.18 -12.51
CA SER A 286 6.02 17.34 -13.02
C SER A 286 5.44 16.16 -13.81
N SER A 287 4.29 15.64 -13.37
CA SER A 287 3.65 14.53 -14.09
C SER A 287 3.22 14.96 -15.48
N SER A 288 2.62 16.15 -15.61
CA SER A 288 2.22 16.63 -16.92
C SER A 288 3.43 16.82 -17.85
N CYS A 289 4.60 17.10 -17.28
CA CYS A 289 5.81 17.19 -18.10
C CYS A 289 6.18 15.84 -18.69
N ALA A 290 5.90 14.75 -17.99
CA ALA A 290 6.27 13.42 -18.46
C ALA A 290 5.19 12.76 -19.28
N LEU A 291 3.92 13.02 -18.98
CA LEU A 291 2.83 12.40 -19.72
C LEU A 291 2.68 13.07 -21.08
N GLU A 292 2.49 12.25 -22.11
CA GLU A 292 2.37 12.75 -23.47
C GLU A 292 1.00 13.38 -23.71
N GLY A 293 0.99 14.44 -24.52
CA GLY A 293 -0.24 15.05 -24.96
C GLY A 293 -0.74 16.21 -24.12
N THR A 294 -0.07 16.53 -23.02
CA THR A 294 -0.51 17.64 -22.18
C THR A 294 -0.09 18.97 -22.78
N VAL A 295 -0.73 20.05 -22.31
CA VAL A 295 -0.40 21.38 -22.78
C VAL A 295 1.03 21.76 -22.39
N THR A 296 1.61 21.08 -21.41
CA THR A 296 2.98 21.37 -21.00
C THR A 296 3.97 21.07 -22.13
N ARG A 297 3.66 20.11 -22.99
CA ARG A 297 4.54 19.78 -24.11
C ARG A 297 4.61 20.91 -25.14
N GLN A 298 3.65 21.83 -25.14
CA GLN A 298 3.67 22.98 -26.02
C GLN A 298 4.35 24.20 -25.42
N ILE A 299 4.82 24.11 -24.17
CA ILE A 299 5.36 25.24 -23.44
C ILE A 299 6.84 25.05 -23.14
N VAL A 300 7.22 23.88 -22.64
CA VAL A 300 8.59 23.62 -22.23
C VAL A 300 9.12 22.43 -23.03
N PRO A 301 10.44 22.32 -23.19
CA PRO A 301 11.01 21.15 -23.86
C PRO A 301 10.72 19.87 -23.10
N SER A 302 10.80 18.76 -23.82
CA SER A 302 10.54 17.46 -23.22
C SER A 302 11.57 17.13 -22.16
N VAL A 303 11.14 16.40 -21.13
CA VAL A 303 11.99 16.11 -19.99
C VAL A 303 12.23 14.61 -19.86
N GLY A 304 11.25 13.81 -20.28
CA GLY A 304 11.33 12.38 -20.05
C GLY A 304 11.11 12.05 -18.59
N TYR A 305 11.72 10.95 -18.15
CA TYR A 305 11.69 10.55 -16.75
C TYR A 305 13.03 10.86 -16.08
N GLY A 306 12.98 10.97 -14.75
CA GLY A 306 14.15 11.29 -13.95
C GLY A 306 13.89 12.51 -13.08
N ASN A 307 14.92 13.34 -12.95
CA ASN A 307 14.84 14.54 -12.13
C ASN A 307 14.17 15.67 -12.92
N ILE A 308 13.08 16.20 -12.37
CA ILE A 308 12.33 17.29 -13.00
C ILE A 308 12.33 18.45 -12.02
N ASN A 309 13.00 19.54 -12.40
CA ASN A 309 13.16 20.71 -11.53
C ASN A 309 12.05 21.71 -11.85
N ILE A 310 11.24 22.03 -10.84
CA ILE A 310 10.11 22.94 -10.96
C ILE A 310 10.48 24.26 -10.29
N GLU A 311 10.47 25.34 -11.06
CA GLU A 311 10.78 26.67 -10.54
C GLU A 311 9.49 27.36 -10.07
N HIS A 312 9.62 28.12 -8.99
CA HIS A 312 8.49 28.81 -8.38
C HIS A 312 9.02 30.13 -7.83
N PRO A 313 8.11 31.02 -7.36
CA PRO A 313 8.56 32.37 -6.98
C PRO A 313 9.74 32.45 -6.03
N SER A 314 9.93 31.46 -5.14
CA SER A 314 10.98 31.56 -4.12
C SER A 314 12.02 30.45 -4.20
N GLY A 315 12.20 29.84 -5.37
CA GLY A 315 13.23 28.84 -5.51
C GLY A 315 12.82 27.79 -6.53
N ALA A 316 13.36 26.59 -6.34
CA ALA A 316 13.07 25.47 -7.23
C ALA A 316 12.98 24.19 -6.40
N LEU A 317 12.29 23.20 -6.96
CA LEU A 317 12.05 21.94 -6.28
C LEU A 317 12.28 20.80 -7.24
N ASP A 318 13.04 19.79 -6.80
CA ASP A 318 13.32 18.61 -7.61
C ASP A 318 12.29 17.53 -7.34
N VAL A 319 11.68 17.01 -8.40
CA VAL A 319 10.76 15.88 -8.32
C VAL A 319 11.32 14.77 -9.18
N HIS A 320 11.51 13.60 -8.59
N HIS A 320 11.46 13.58 -8.61
CA HIS A 320 11.97 12.42 -9.32
CA HIS A 320 11.97 12.42 -9.32
C HIS A 320 10.74 11.61 -9.76
C HIS A 320 10.80 11.56 -9.74
N LEU A 321 10.62 11.41 -11.05
CA LEU A 321 9.54 10.61 -11.62
C LEU A 321 10.06 9.25 -12.07
N SER A 322 9.16 8.28 -12.14
CA SER A 322 9.50 6.90 -12.45
C SER A 322 8.21 6.17 -12.78
N ASN A 323 8.31 5.21 -13.71
CA ASN A 323 7.13 4.44 -14.11
C ASN A 323 7.59 3.08 -14.63
N GLU A 324 7.21 2.02 -13.92
CA GLU A 324 7.47 0.65 -14.37
C GLU A 324 6.33 0.07 -15.19
N GLY A 325 5.22 0.77 -15.30
CA GLY A 325 4.09 0.32 -16.09
C GLY A 325 3.95 1.09 -17.39
N GLN A 326 2.77 0.95 -17.99
CA GLN A 326 2.45 1.62 -19.25
C GLN A 326 1.51 2.81 -19.05
N ASP A 327 0.57 2.71 -18.13
CA ASP A 327 -0.43 3.76 -17.93
C ASP A 327 0.14 4.88 -17.04
N ALA A 328 -0.57 6.00 -17.04
CA ALA A 328 -0.26 7.10 -16.12
C ALA A 328 -0.66 6.78 -14.69
N THR A 329 -1.41 5.71 -14.46
CA THR A 329 -1.83 5.36 -13.11
C THR A 329 -0.70 4.77 -12.29
N THR A 330 0.36 4.30 -12.93
CA THR A 330 1.51 3.73 -12.23
C THR A 330 2.67 4.70 -12.13
N LEU A 331 2.47 5.96 -12.51
CA LEU A 331 3.52 6.97 -12.42
C LEU A 331 3.83 7.26 -10.95
N ARG A 332 5.10 7.12 -10.57
CA ARG A 332 5.52 7.28 -9.18
C ARG A 332 6.41 8.51 -9.06
N ALA A 333 6.10 9.35 -8.07
CA ALA A 333 6.84 10.59 -7.83
C ALA A 333 7.47 10.56 -6.44
N SER A 334 8.69 11.09 -6.35
CA SER A 334 9.38 11.19 -5.07
C SER A 334 10.08 12.53 -4.98
N VAL A 335 10.23 13.02 -3.76
CA VAL A 335 10.86 14.31 -3.49
C VAL A 335 11.81 14.13 -2.30
N ILE A 336 12.94 14.83 -2.35
CA ILE A 336 13.88 14.88 -1.23
C ILE A 336 13.58 16.11 -0.39
N ARG A 337 13.49 15.93 0.92
CA ARG A 337 13.38 17.02 1.87
C ARG A 337 14.43 16.82 2.95
N THR A 338 14.44 17.73 3.92
CA THR A 338 15.21 17.56 5.14
C THR A 338 14.33 17.91 6.32
N THR A 339 14.70 17.40 7.49
CA THR A 339 13.96 17.68 8.70
C THR A 339 14.95 17.77 9.87
N ARG A 340 14.48 18.34 10.97
CA ARG A 340 15.33 18.44 12.15
C ARG A 340 14.45 18.56 13.39
N LYS A 341 14.80 17.82 14.43
CA LYS A 341 14.14 17.98 15.72
C LYS A 341 14.72 19.19 16.44
N ILE A 342 13.85 20.09 16.87
CA ILE A 342 14.26 21.36 17.47
C ILE A 342 14.07 21.36 18.99
N PHE A 343 12.85 21.03 19.45
N PHE A 343 12.82 21.18 19.44
CA PHE A 343 12.49 21.18 20.86
CA PHE A 343 12.49 21.12 20.85
C PHE A 343 11.67 19.96 21.27
C PHE A 343 11.80 19.81 21.15
N SER A 344 12.10 19.26 22.32
CA SER A 344 11.38 18.12 22.86
C SER A 344 11.11 18.38 24.33
N GLY A 345 9.84 18.23 24.73
CA GLY A 345 9.49 18.48 26.12
C GLY A 345 8.00 18.65 26.36
N GLU A 346 7.64 19.66 27.15
CA GLU A 346 6.26 19.88 27.58
C GLU A 346 5.83 21.29 27.22
N VAL A 347 4.64 21.42 26.64
CA VAL A 347 4.05 22.72 26.32
C VAL A 347 2.90 22.95 27.28
N TYR A 348 2.81 24.17 27.82
CA TYR A 348 1.81 24.54 28.81
C TYR A 348 0.76 25.44 28.17
N LEU A 349 -0.50 25.19 28.51
CA LEU A 349 -1.64 25.88 27.93
C LEU A 349 -2.19 26.93 28.90
N PRO A 350 -2.50 28.14 28.42
CA PRO A 350 -3.01 29.22 29.27
C PRO A 350 -4.40 28.92 29.84
N MET B 1 14.14 -21.74 -26.96
CA MET B 1 14.93 -21.58 -25.75
C MET B 1 15.41 -22.95 -25.25
N LYS B 2 16.71 -23.06 -24.98
CA LYS B 2 17.29 -24.31 -24.54
C LYS B 2 17.85 -24.27 -23.12
N LYS B 3 18.00 -23.09 -22.52
CA LYS B 3 18.46 -23.00 -21.14
C LYS B 3 17.97 -21.67 -20.56
N ILE B 4 17.83 -21.65 -19.24
CA ILE B 4 17.32 -20.47 -18.53
C ILE B 4 17.90 -20.45 -17.12
N PRO B 5 18.31 -19.28 -16.61
CA PRO B 5 18.70 -19.20 -15.20
C PRO B 5 17.53 -19.55 -14.30
N CYS B 6 17.83 -20.28 -13.22
CA CYS B 6 16.77 -20.77 -12.36
C CYS B 6 17.31 -20.95 -10.94
N VAL B 7 16.43 -20.76 -9.97
CA VAL B 7 16.71 -20.98 -8.56
C VAL B 7 15.59 -21.83 -7.99
N MET B 8 15.94 -22.97 -7.41
CA MET B 8 14.98 -23.79 -6.68
C MET B 8 15.00 -23.39 -5.22
N MET B 9 13.82 -23.17 -4.64
CA MET B 9 13.70 -22.86 -3.24
C MET B 9 12.55 -23.67 -2.64
N ARG B 10 12.71 -24.04 -1.38
CA ARG B 10 11.57 -24.46 -0.58
C ARG B 10 10.86 -23.21 -0.07
N GLY B 11 9.58 -23.08 -0.38
CA GLY B 11 8.78 -22.03 0.19
C GLY B 11 7.74 -22.62 1.12
N GLY B 12 7.97 -22.51 2.43
CA GLY B 12 7.07 -23.14 3.38
C GLY B 12 7.07 -24.64 3.16
N THR B 13 5.88 -25.20 2.93
CA THR B 13 5.72 -26.62 2.65
C THR B 13 5.69 -26.94 1.17
N SER B 14 6.11 -26.00 0.32
CA SER B 14 6.15 -26.19 -1.12
C SER B 14 7.58 -26.00 -1.62
N ARG B 15 7.81 -26.43 -2.86
CA ARG B 15 9.12 -26.31 -3.49
C ARG B 15 8.92 -26.09 -4.98
N GLY B 16 9.78 -25.29 -5.59
CA GLY B 16 9.67 -25.09 -7.02
C GLY B 16 10.69 -24.10 -7.54
N ALA B 17 10.49 -23.71 -8.79
CA ALA B 17 11.42 -22.83 -9.49
C ALA B 17 11.07 -21.37 -9.22
N PHE B 18 12.11 -20.58 -8.95
CA PHE B 18 12.00 -19.13 -8.81
C PHE B 18 12.73 -18.48 -9.97
N LEU B 19 11.99 -17.75 -10.79
CA LEU B 19 12.49 -17.21 -12.04
C LEU B 19 12.29 -15.70 -12.09
N LEU B 20 13.19 -15.03 -12.80
CA LEU B 20 13.02 -13.62 -13.11
C LEU B 20 12.23 -13.49 -14.41
N ALA B 21 11.26 -12.57 -14.41
CA ALA B 21 10.42 -12.38 -15.59
C ALA B 21 11.23 -11.94 -16.81
N GLU B 22 12.41 -11.34 -16.60
CA GLU B 22 13.29 -10.99 -17.72
C GLU B 22 13.58 -12.18 -18.61
N HIS B 23 13.73 -13.37 -18.01
CA HIS B 23 14.23 -14.54 -18.71
C HIS B 23 13.12 -15.36 -19.35
N LEU B 24 11.90 -14.82 -19.44
CA LEU B 24 10.78 -15.53 -20.00
C LEU B 24 10.15 -14.70 -21.12
N PRO B 25 9.61 -15.35 -22.14
CA PRO B 25 8.96 -14.62 -23.22
C PRO B 25 7.61 -14.06 -22.78
N GLU B 26 7.20 -12.98 -23.46
CA GLU B 26 5.93 -12.35 -23.15
C GLU B 26 4.74 -13.16 -23.64
N ASP B 27 4.92 -13.96 -24.70
CA ASP B 27 3.84 -14.80 -25.21
C ASP B 27 3.48 -15.86 -24.16
N GLN B 28 2.20 -15.91 -23.79
CA GLN B 28 1.77 -16.78 -22.69
C GLN B 28 1.93 -18.25 -23.05
N THR B 29 1.70 -18.61 -24.31
CA THR B 29 1.82 -20.01 -24.71
C THR B 29 3.27 -20.47 -24.66
N GLN B 30 4.19 -19.67 -25.19
CA GLN B 30 5.60 -20.02 -25.15
C GLN B 30 6.12 -20.06 -23.72
N ARG B 31 5.68 -19.10 -22.89
CA ARG B 31 6.09 -19.10 -21.48
C ARG B 31 5.65 -20.36 -20.77
N ASP B 32 4.40 -20.79 -21.00
CA ASP B 32 3.89 -21.98 -20.33
C ASP B 32 4.65 -23.23 -20.77
N LYS B 33 5.01 -23.32 -22.06
CA LYS B 33 5.81 -24.46 -22.51
C LYS B 33 7.16 -24.51 -21.78
N ILE B 34 7.78 -23.36 -21.57
CA ILE B 34 9.06 -23.33 -20.85
C ILE B 34 8.87 -23.80 -19.41
N LEU B 35 7.79 -23.37 -18.77
CA LEU B 35 7.54 -23.79 -17.39
C LEU B 35 7.33 -25.29 -17.30
N MET B 36 6.61 -25.87 -18.26
CA MET B 36 6.44 -27.32 -18.29
C MET B 36 7.78 -28.02 -18.47
N ALA B 37 8.64 -27.46 -19.33
CA ALA B 37 9.94 -28.08 -19.58
C ALA B 37 10.85 -27.97 -18.37
N ILE B 38 10.75 -26.89 -17.60
CA ILE B 38 11.58 -26.74 -16.41
C ILE B 38 11.21 -27.79 -15.38
N MET B 39 9.91 -27.95 -15.10
CA MET B 39 9.47 -28.83 -14.02
C MET B 39 9.35 -30.28 -14.45
N GLY B 40 9.26 -30.55 -15.75
CA GLY B 40 9.12 -31.92 -16.22
C GLY B 40 7.68 -32.37 -16.26
N SER B 41 6.78 -31.44 -16.61
CA SER B 41 5.35 -31.74 -16.65
C SER B 41 5.04 -32.85 -17.65
N GLY B 42 4.13 -33.74 -17.26
CA GLY B 42 3.66 -34.82 -18.11
C GLY B 42 4.10 -36.21 -17.69
N ASN B 43 4.87 -36.34 -16.63
CA ASN B 43 5.33 -37.62 -16.14
C ASN B 43 5.06 -37.71 -14.65
N ASP B 44 4.63 -38.89 -14.18
CA ASP B 44 4.19 -39.04 -12.80
C ASP B 44 5.28 -38.66 -11.80
N LEU B 45 6.54 -38.91 -12.14
CA LEU B 45 7.66 -38.53 -11.29
C LEU B 45 8.33 -37.24 -11.75
N GLU B 46 7.87 -36.66 -12.86
CA GLU B 46 8.56 -35.54 -13.51
C GLU B 46 10.03 -35.87 -13.72
N ILE B 47 10.25 -37.04 -14.33
CA ILE B 47 11.58 -37.63 -14.44
C ILE B 47 12.51 -36.80 -15.32
N ASP B 48 11.97 -35.96 -16.20
CA ASP B 48 12.79 -35.19 -17.14
C ASP B 48 12.83 -33.71 -16.79
N GLY B 49 12.55 -33.36 -15.54
CA GLY B 49 12.63 -31.97 -15.10
C GLY B 49 13.06 -31.86 -13.66
N ILE B 50 12.93 -30.66 -13.07
CA ILE B 50 13.34 -30.48 -11.68
C ILE B 50 12.20 -30.68 -10.70
N GLY B 51 10.98 -30.89 -11.18
CA GLY B 51 9.87 -31.10 -10.28
C GLY B 51 9.97 -32.41 -9.54
N GLY B 52 9.26 -32.48 -8.43
CA GLY B 52 9.27 -33.68 -7.61
C GLY B 52 8.14 -34.65 -7.87
N GLY B 53 7.35 -34.44 -8.92
CA GLY B 53 6.25 -35.34 -9.24
C GLY B 53 5.04 -35.20 -8.35
N ASN B 54 4.94 -34.14 -7.56
CA ASN B 54 3.86 -33.90 -6.63
C ASN B 54 3.49 -32.43 -6.77
N PRO B 55 2.20 -32.10 -6.67
CA PRO B 55 1.80 -30.67 -6.79
C PRO B 55 2.55 -29.75 -5.85
N LEU B 56 2.89 -30.22 -4.65
CA LEU B 56 3.63 -29.39 -3.69
C LEU B 56 5.04 -29.07 -4.18
N THR B 57 5.60 -29.89 -5.06
CA THR B 57 6.97 -29.73 -5.55
C THR B 57 7.00 -29.48 -7.05
N SER B 58 5.94 -28.91 -7.59
CA SER B 58 5.84 -28.64 -9.02
C SER B 58 5.25 -27.25 -9.24
N LYS B 59 5.84 -26.26 -8.57
CA LYS B 59 5.33 -24.89 -8.58
C LYS B 59 6.39 -23.95 -9.16
N VAL B 60 5.94 -22.78 -9.59
CA VAL B 60 6.81 -21.76 -10.18
C VAL B 60 6.42 -20.40 -9.62
N ALA B 61 7.42 -19.58 -9.28
CA ALA B 61 7.24 -18.20 -8.89
C ALA B 61 8.03 -17.31 -9.85
N ILE B 62 7.34 -16.40 -10.52
CA ILE B 62 7.95 -15.49 -11.49
C ILE B 62 8.01 -14.12 -10.84
N ILE B 63 9.23 -13.63 -10.61
CA ILE B 63 9.47 -12.43 -9.80
C ILE B 63 10.02 -11.33 -10.70
N SER B 64 9.60 -10.09 -10.43
CA SER B 64 10.11 -8.94 -11.15
C SER B 64 9.89 -7.70 -10.30
N ARG B 65 10.53 -6.61 -10.69
CA ARG B 65 10.24 -5.32 -10.07
C ARG B 65 8.78 -4.96 -10.33
N SER B 66 8.12 -4.40 -9.32
CA SER B 66 6.67 -4.20 -9.40
C SER B 66 6.32 -3.11 -10.39
N SER B 67 5.28 -3.38 -11.19
CA SER B 67 4.68 -2.36 -12.04
C SER B 67 3.80 -1.39 -11.25
N ASP B 68 3.45 -1.74 -10.03
CA ASP B 68 2.58 -0.94 -9.16
C ASP B 68 3.44 -0.09 -8.23
N PRO B 69 3.18 1.21 -8.13
CA PRO B 69 4.01 2.06 -7.26
C PRO B 69 3.88 1.73 -5.78
N ARG B 70 2.88 0.96 -5.38
CA ARG B 70 2.70 0.61 -3.98
C ARG B 70 3.48 -0.63 -3.56
N ALA B 71 4.08 -1.36 -4.49
CA ALA B 71 4.81 -2.57 -4.17
C ALA B 71 6.27 -2.45 -4.62
N ASP B 72 7.11 -3.31 -4.05
CA ASP B 72 8.50 -3.39 -4.47
C ASP B 72 8.68 -4.39 -5.60
N VAL B 73 8.13 -5.60 -5.45
CA VAL B 73 8.29 -6.65 -6.45
C VAL B 73 6.93 -7.21 -6.81
N ASP B 74 6.82 -7.71 -8.04
CA ASP B 74 5.63 -8.43 -8.49
C ASP B 74 5.89 -9.93 -8.41
N TYR B 75 4.86 -10.68 -8.04
CA TYR B 75 4.94 -12.12 -7.83
C TYR B 75 3.81 -12.78 -8.62
N LEU B 76 4.17 -13.57 -9.62
CA LEU B 76 3.22 -14.32 -10.42
C LEU B 76 3.42 -15.81 -10.13
N PHE B 77 2.36 -16.47 -9.67
CA PHE B 77 2.42 -17.89 -9.34
C PHE B 77 1.87 -18.72 -10.48
N ALA B 78 2.46 -19.89 -10.70
CA ALA B 78 2.00 -20.84 -11.70
C ALA B 78 2.10 -22.25 -11.14
N GLN B 79 1.03 -23.01 -11.27
CA GLN B 79 1.01 -24.42 -10.90
C GLN B 79 1.28 -25.26 -12.15
N VAL B 80 2.35 -26.04 -12.13
CA VAL B 80 2.71 -26.87 -13.27
C VAL B 80 2.17 -28.27 -12.99
N ILE B 81 1.15 -28.67 -13.77
CA ILE B 81 0.49 -29.94 -13.54
C ILE B 81 1.47 -31.08 -13.77
N VAL B 82 1.31 -32.16 -13.00
CA VAL B 82 2.25 -33.26 -13.01
C VAL B 82 1.89 -34.29 -14.08
N HIS B 83 0.67 -34.82 -14.02
N HIS B 83 0.66 -34.83 -14.00
CA HIS B 83 0.29 -35.94 -14.87
CA HIS B 83 0.28 -35.94 -14.87
C HIS B 83 -0.13 -35.54 -16.28
C HIS B 83 0.08 -35.52 -16.31
N GLU B 84 -0.19 -34.24 -16.58
CA GLU B 84 -0.41 -33.78 -17.94
C GLU B 84 0.25 -32.42 -18.13
N GLN B 85 0.56 -32.10 -19.38
CA GLN B 85 1.26 -30.88 -19.73
C GLN B 85 0.28 -29.71 -19.71
N ARG B 86 0.11 -29.11 -18.54
CA ARG B 86 -0.79 -27.98 -18.35
C ARG B 86 -0.18 -27.04 -17.32
N VAL B 87 -0.54 -25.76 -17.42
CA VAL B 87 -0.14 -24.75 -16.44
C VAL B 87 -1.40 -24.07 -15.93
N ASP B 88 -1.48 -23.87 -14.62
CA ASP B 88 -2.59 -23.19 -13.98
C ASP B 88 -2.06 -22.01 -13.19
N THR B 89 -2.59 -20.82 -13.46
CA THR B 89 -2.15 -19.59 -12.81
C THR B 89 -3.29 -18.94 -12.04
N THR B 90 -4.21 -19.73 -11.50
CA THR B 90 -5.36 -19.17 -10.80
C THR B 90 -5.03 -18.71 -9.38
N PRO B 91 -4.55 -19.59 -8.49
CA PRO B 91 -4.50 -19.23 -7.07
C PRO B 91 -3.27 -18.40 -6.73
N ASN B 92 -3.24 -17.94 -5.49
CA ASN B 92 -2.07 -17.31 -4.88
C ASN B 92 -1.52 -18.30 -3.86
N CYS B 93 -0.35 -18.85 -4.15
CA CYS B 93 0.28 -19.84 -3.27
C CYS B 93 1.03 -19.09 -2.17
N GLY B 94 0.50 -19.16 -0.95
CA GLY B 94 1.12 -18.48 0.17
C GLY B 94 2.43 -19.09 0.62
N ASN B 95 2.63 -20.38 0.36
CA ASN B 95 3.88 -21.01 0.75
C ASN B 95 5.02 -20.61 -0.15
N MET B 96 4.81 -20.64 -1.47
CA MET B 96 5.83 -20.14 -2.38
C MET B 96 6.10 -18.65 -2.14
N LEU B 97 5.08 -17.91 -1.70
CA LEU B 97 5.26 -16.51 -1.34
C LEU B 97 6.37 -16.34 -0.31
N SER B 98 6.58 -17.35 0.54
CA SER B 98 7.61 -17.27 1.58
C SER B 98 8.99 -17.05 0.98
N GLY B 99 9.23 -17.51 -0.24
CA GLY B 99 10.54 -17.35 -0.85
C GLY B 99 10.73 -16.08 -1.66
N VAL B 100 9.65 -15.33 -1.92
CA VAL B 100 9.75 -14.19 -2.83
C VAL B 100 10.69 -13.13 -2.29
N GLY B 101 10.53 -12.78 -1.01
CA GLY B 101 11.32 -11.70 -0.44
C GLY B 101 12.81 -11.98 -0.47
N ALA B 102 13.20 -13.18 -0.02
CA ALA B 102 14.62 -13.53 -0.03
C ALA B 102 15.16 -13.60 -1.44
N PHE B 103 14.35 -14.12 -2.38
CA PHE B 103 14.79 -14.18 -3.78
C PHE B 103 15.00 -12.79 -4.35
N ALA B 104 14.11 -11.85 -4.02
CA ALA B 104 14.23 -10.50 -4.55
C ALA B 104 15.48 -9.81 -4.02
N ILE B 105 15.83 -10.05 -2.76
CA ILE B 105 17.01 -9.42 -2.18
C ILE B 105 18.28 -10.01 -2.79
N GLU B 106 18.34 -11.34 -2.95
CA GLU B 106 19.53 -11.96 -3.48
C GLU B 106 19.77 -11.59 -4.95
N ASN B 107 18.71 -11.23 -5.67
CA ASN B 107 18.81 -10.88 -7.08
C ASN B 107 18.77 -9.37 -7.33
N GLY B 108 18.99 -8.57 -6.29
CA GLY B 108 19.11 -7.14 -6.45
C GLY B 108 17.86 -6.41 -6.88
N LEU B 109 16.67 -6.98 -6.65
CA LEU B 109 15.43 -6.28 -6.94
C LEU B 109 15.07 -5.25 -5.88
N ILE B 110 15.74 -5.28 -4.72
CA ILE B 110 15.48 -4.34 -3.64
C ILE B 110 16.70 -4.32 -2.73
N ALA B 111 17.03 -3.16 -2.21
CA ALA B 111 18.15 -3.01 -1.30
C ALA B 111 17.84 -3.64 0.06
N ALA B 112 18.85 -4.27 0.66
CA ALA B 112 18.69 -4.90 1.95
C ALA B 112 18.97 -3.91 3.08
N THR B 113 18.22 -4.04 4.17
CA THR B 113 18.50 -3.36 5.41
C THR B 113 18.91 -4.38 6.46
N SER B 114 19.07 -3.93 7.70
CA SER B 114 19.54 -4.77 8.78
C SER B 114 18.82 -4.37 10.07
N PRO B 115 18.45 -5.35 10.92
CA PRO B 115 18.67 -6.78 10.75
C PRO B 115 17.52 -7.48 9.99
N VAL B 116 16.55 -6.70 9.54
CA VAL B 116 15.42 -7.20 8.77
C VAL B 116 15.22 -6.30 7.56
N THR B 117 14.76 -6.89 6.47
CA THR B 117 14.43 -6.15 5.25
C THR B 117 12.95 -6.34 4.94
N ARG B 118 12.22 -5.24 4.83
CA ARG B 118 10.82 -5.28 4.43
C ARG B 118 10.72 -5.36 2.91
N VAL B 119 9.86 -6.24 2.42
CA VAL B 119 9.64 -6.40 0.99
C VAL B 119 8.13 -6.33 0.74
N ARG B 120 7.72 -5.34 -0.05
CA ARG B 120 6.33 -5.19 -0.44
C ARG B 120 6.07 -6.00 -1.70
N ILE B 121 5.21 -7.00 -1.60
CA ILE B 121 4.97 -7.96 -2.68
C ILE B 121 3.54 -7.79 -3.17
N ARG B 122 3.38 -7.68 -4.50
CA ARG B 122 2.08 -7.70 -5.13
C ARG B 122 1.93 -9.03 -5.87
N ASN B 123 0.93 -9.81 -5.48
CA ASN B 123 0.63 -11.06 -6.17
C ASN B 123 -0.18 -10.75 -7.43
N VAL B 124 0.43 -10.97 -8.60
CA VAL B 124 -0.22 -10.63 -9.86
C VAL B 124 -1.49 -11.46 -10.08
N ASN B 125 -1.52 -12.69 -9.55
CA ASN B 125 -2.67 -13.56 -9.79
C ASN B 125 -3.95 -12.97 -9.19
N THR B 126 -3.86 -12.41 -7.99
CA THR B 126 -5.04 -11.96 -7.26
C THR B 126 -5.08 -10.47 -6.99
N GLY B 127 -4.01 -9.71 -7.28
CA GLY B 127 -3.96 -8.33 -6.89
C GLY B 127 -3.77 -8.10 -5.40
N THR B 128 -3.47 -9.15 -4.63
CA THR B 128 -3.28 -9.03 -3.20
C THR B 128 -1.87 -8.55 -2.89
N PHE B 129 -1.76 -7.61 -1.96
CA PHE B 129 -0.48 -7.06 -1.51
C PHE B 129 -0.08 -7.70 -0.19
N ILE B 130 1.16 -8.19 -0.13
CA ILE B 130 1.68 -8.85 1.06
C ILE B 130 3.04 -8.27 1.40
N GLU B 131 3.26 -7.98 2.68
CA GLU B 131 4.58 -7.59 3.15
C GLU B 131 5.31 -8.81 3.68
N ALA B 132 6.55 -9.00 3.24
CA ALA B 132 7.42 -10.05 3.76
C ALA B 132 8.54 -9.41 4.56
N ASP B 133 8.79 -9.94 5.75
CA ASP B 133 9.86 -9.47 6.61
C ASP B 133 10.95 -10.55 6.64
N VAL B 134 12.08 -10.25 6.02
CA VAL B 134 13.14 -11.21 5.80
C VAL B 134 14.26 -10.95 6.79
N GLN B 135 14.76 -12.01 7.41
CA GLN B 135 15.94 -11.91 8.27
C GLN B 135 17.15 -11.58 7.42
N THR B 136 17.70 -10.38 7.59
CA THR B 136 18.87 -9.93 6.84
C THR B 136 19.87 -9.30 7.80
N PRO B 137 20.54 -10.10 8.62
CA PRO B 137 21.59 -9.56 9.48
C PRO B 137 22.76 -9.06 8.65
N ASN B 138 23.15 -7.80 8.86
CA ASN B 138 24.21 -7.14 8.10
C ASN B 138 23.89 -7.09 6.62
N GLY B 139 22.61 -7.04 6.27
CA GLY B 139 22.22 -6.91 4.89
C GLY B 139 22.36 -8.16 4.05
N VAL B 140 22.49 -9.32 4.68
CA VAL B 140 22.64 -10.59 3.97
C VAL B 140 21.49 -11.50 4.37
N VAL B 141 20.82 -12.09 3.37
CA VAL B 141 19.70 -12.97 3.64
C VAL B 141 20.17 -14.15 4.48
N GLU B 142 19.42 -14.43 5.54
CA GLU B 142 19.73 -15.52 6.46
C GLU B 142 18.63 -16.57 6.35
N TYR B 143 19.03 -17.81 6.06
CA TYR B 143 18.11 -18.93 5.99
C TYR B 143 18.11 -19.79 7.24
N GLU B 144 19.21 -19.79 8.00
CA GLU B 144 19.29 -20.57 9.23
C GLU B 144 18.50 -19.88 10.34
N GLY B 145 17.89 -20.69 11.19
CA GLY B 145 17.10 -20.14 12.29
C GLY B 145 16.51 -21.26 13.12
N SER B 146 15.70 -20.86 14.10
CA SER B 146 15.08 -21.78 15.04
C SER B 146 13.57 -21.88 14.85
N ALA B 147 13.02 -21.27 13.82
CA ALA B 147 11.59 -21.37 13.55
C ALA B 147 11.26 -22.75 12.98
N ARG B 148 10.06 -23.22 13.30
CA ARG B 148 9.61 -24.54 12.90
C ARG B 148 8.20 -24.45 12.36
N ILE B 149 7.92 -25.22 11.30
CA ILE B 149 6.59 -25.32 10.71
C ILE B 149 6.27 -26.78 10.45
N ASP B 150 4.99 -27.12 10.50
CA ASP B 150 4.56 -28.48 10.21
C ASP B 150 4.86 -28.84 8.76
N GLY B 151 5.30 -30.07 8.55
CA GLY B 151 5.56 -30.59 7.23
C GLY B 151 6.97 -30.40 6.73
N VAL B 152 7.82 -29.69 7.47
CA VAL B 152 9.20 -29.45 7.07
C VAL B 152 10.09 -29.84 8.24
N PRO B 153 11.02 -30.78 8.07
CA PRO B 153 11.90 -31.16 9.17
C PRO B 153 12.86 -30.05 9.54
N GLY B 154 13.40 -30.14 10.76
CA GLY B 154 14.38 -29.18 11.22
C GLY B 154 13.80 -27.80 11.46
N THR B 155 14.72 -26.85 11.60
CA THR B 155 14.36 -25.46 11.85
C THR B 155 15.05 -24.57 10.82
N ALA B 156 14.41 -23.45 10.51
CA ALA B 156 14.95 -22.47 9.59
C ALA B 156 14.60 -21.08 10.10
N ALA B 157 15.09 -20.08 9.38
CA ALA B 157 14.81 -18.69 9.74
C ALA B 157 13.34 -18.38 9.48
N PRO B 158 12.68 -17.63 10.38
CA PRO B 158 11.29 -17.26 10.14
C PRO B 158 11.18 -16.13 9.13
N VAL B 159 10.15 -16.22 8.28
CA VAL B 159 9.75 -15.13 7.40
C VAL B 159 8.31 -14.77 7.72
N ALA B 160 8.07 -13.49 7.99
CA ALA B 160 6.74 -13.02 8.35
C ALA B 160 6.03 -12.51 7.10
N LEU B 161 4.81 -13.01 6.88
CA LEU B 161 4.00 -12.64 5.72
C LEU B 161 2.73 -11.97 6.24
N THR B 162 2.58 -10.68 5.95
CA THR B 162 1.45 -9.89 6.42
C THR B 162 0.60 -9.47 5.24
N PHE B 163 -0.67 -9.91 5.24
CA PHE B 163 -1.59 -9.60 4.16
C PHE B 163 -2.22 -8.23 4.38
N LEU B 164 -2.14 -7.38 3.36
CA LEU B 164 -2.44 -5.96 3.49
C LEU B 164 -3.83 -5.56 2.99
N ASN B 165 -4.41 -6.30 2.05
CA ASN B 165 -5.73 -5.96 1.51
C ASN B 165 -6.57 -7.22 1.34
N ALA B 166 -6.72 -7.98 2.44
CA ALA B 166 -7.45 -9.25 2.36
C ALA B 166 -8.96 -9.04 2.28
N ALA B 167 -9.47 -7.93 2.81
CA ALA B 167 -10.90 -7.71 2.88
C ALA B 167 -11.49 -7.56 1.48
N GLY B 168 -12.44 -8.42 1.13
CA GLY B 168 -13.15 -8.34 -0.12
C GLY B 168 -12.29 -8.53 -1.35
N THR B 169 -11.44 -9.56 -1.34
CA THR B 169 -10.50 -9.77 -2.44
C THR B 169 -11.21 -10.03 -3.77
N LYS B 170 -12.40 -10.63 -3.72
CA LYS B 170 -13.17 -10.90 -4.92
C LYS B 170 -14.50 -10.16 -4.97
N THR B 171 -15.03 -9.73 -3.83
CA THR B 171 -16.32 -9.07 -3.75
C THR B 171 -16.20 -7.57 -3.50
N GLY B 172 -15.34 -7.16 -2.57
CA GLY B 172 -15.29 -5.79 -2.10
C GLY B 172 -15.91 -5.60 -0.72
N LYS B 173 -16.54 -6.63 -0.17
CA LYS B 173 -17.09 -6.59 1.17
C LYS B 173 -16.59 -7.80 1.95
N VAL B 174 -16.40 -7.62 3.25
CA VAL B 174 -16.03 -8.74 4.11
C VAL B 174 -17.17 -9.75 4.17
N PHE B 175 -18.41 -9.27 4.25
CA PHE B 175 -19.60 -10.10 4.25
C PHE B 175 -20.42 -9.72 3.01
N PRO B 176 -20.19 -10.39 1.88
CA PRO B 176 -20.89 -10.01 0.65
C PRO B 176 -22.40 -10.08 0.75
N THR B 177 -22.94 -11.03 1.49
CA THR B 177 -24.39 -11.15 1.65
C THR B 177 -24.95 -10.14 2.65
N ASP B 178 -24.12 -9.26 3.21
CA ASP B 178 -24.50 -8.28 4.22
C ASP B 178 -25.04 -8.94 5.49
N ASN B 179 -24.74 -10.22 5.68
CA ASN B 179 -25.12 -10.95 6.89
C ASN B 179 -23.92 -11.73 7.40
N GLN B 180 -23.70 -11.68 8.71
CA GLN B 180 -22.65 -12.48 9.31
C GLN B 180 -22.99 -13.97 9.27
N ILE B 181 -24.27 -14.30 9.30
CA ILE B 181 -24.73 -15.68 9.22
C ILE B 181 -25.86 -15.74 8.20
N ASP B 182 -25.77 -16.71 7.29
CA ASP B 182 -26.83 -17.01 6.34
C ASP B 182 -27.33 -18.44 6.58
N TYR B 183 -28.39 -18.79 5.87
CA TYR B 183 -29.00 -20.11 6.00
C TYR B 183 -29.26 -20.66 4.60
N PHE B 184 -28.72 -21.85 4.33
CA PHE B 184 -28.97 -22.56 3.09
C PHE B 184 -29.22 -24.02 3.43
N ASP B 185 -30.36 -24.54 2.97
CA ASP B 185 -30.76 -25.92 3.26
C ASP B 185 -30.83 -26.17 4.77
N ASP B 186 -31.35 -25.19 5.51
CA ASP B 186 -31.52 -25.27 6.96
C ASP B 186 -30.19 -25.49 7.68
N VAL B 187 -29.09 -25.00 7.12
CA VAL B 187 -27.77 -25.12 7.71
C VAL B 187 -27.25 -23.71 7.94
N PRO B 188 -26.94 -23.32 9.19
CA PRO B 188 -26.36 -21.99 9.44
C PRO B 188 -24.92 -21.95 8.96
N VAL B 189 -24.63 -21.02 8.04
CA VAL B 189 -23.29 -20.87 7.49
C VAL B 189 -22.90 -19.39 7.57
N THR B 190 -21.63 -19.12 7.27
CA THR B 190 -21.11 -17.75 7.22
C THR B 190 -20.38 -17.55 5.90
N CYS B 191 -20.76 -16.50 5.18
CA CYS B 191 -20.12 -16.12 3.93
C CYS B 191 -19.20 -14.94 4.19
N ILE B 192 -17.91 -15.15 3.99
CA ILE B 192 -16.90 -14.12 4.28
C ILE B 192 -15.88 -14.11 3.16
N ASP B 193 -15.39 -12.91 2.84
CA ASP B 193 -14.40 -12.69 1.79
C ASP B 193 -13.18 -12.03 2.43
N MET B 194 -12.25 -12.87 2.90
CA MET B 194 -11.00 -12.42 3.52
C MET B 194 -9.87 -13.23 2.90
N ALA B 195 -9.12 -12.60 1.99
CA ALA B 195 -8.05 -13.24 1.22
C ALA B 195 -8.59 -14.31 0.29
N MET B 196 -9.76 -14.84 0.58
CA MET B 196 -10.40 -15.88 -0.23
C MET B 196 -11.89 -15.90 0.11
N PRO B 197 -12.77 -15.89 -0.89
CA PRO B 197 -14.21 -16.08 -0.63
C PRO B 197 -14.45 -17.51 -0.17
N VAL B 198 -14.97 -17.67 1.04
CA VAL B 198 -15.27 -18.99 1.59
C VAL B 198 -16.67 -18.96 2.18
N VAL B 199 -17.26 -20.15 2.26
CA VAL B 199 -18.52 -20.36 2.98
C VAL B 199 -18.23 -21.36 4.09
N ILE B 200 -18.43 -20.91 5.33
CA ILE B 200 -18.03 -21.68 6.50
C ILE B 200 -19.24 -22.48 6.98
N ILE B 201 -19.10 -23.80 7.02
CA ILE B 201 -20.19 -24.72 7.31
C ILE B 201 -19.79 -25.57 8.51
N PRO B 202 -20.60 -25.64 9.57
CA PRO B 202 -20.31 -26.58 10.66
C PRO B 202 -20.43 -28.02 10.18
N ALA B 203 -19.38 -28.80 10.43
CA ALA B 203 -19.34 -30.18 9.95
C ALA B 203 -20.51 -30.99 10.52
N GLU B 204 -20.86 -30.75 11.78
CA GLU B 204 -21.88 -31.56 12.43
C GLU B 204 -23.25 -31.37 11.80
N TYR B 205 -23.52 -30.21 11.21
CA TYR B 205 -24.79 -30.01 10.54
C TYR B 205 -24.93 -30.81 9.25
N LEU B 206 -23.83 -31.34 8.72
CA LEU B 206 -23.87 -32.23 7.57
C LEU B 206 -23.63 -33.68 7.96
N GLY B 207 -23.83 -34.02 9.23
CA GLY B 207 -23.66 -35.39 9.67
C GLY B 207 -22.23 -35.86 9.78
N LYS B 208 -21.28 -34.94 9.87
CA LYS B 208 -19.87 -35.27 9.94
C LYS B 208 -19.25 -34.74 11.22
N THR B 209 -18.26 -35.47 11.73
CA THR B 209 -17.52 -34.96 12.88
C THR B 209 -16.62 -33.80 12.50
N GLY B 210 -16.06 -33.83 11.28
CA GLY B 210 -15.07 -32.87 10.86
C GLY B 210 -13.65 -33.35 11.01
N TYR B 211 -13.44 -34.53 11.57
CA TYR B 211 -12.09 -35.07 11.78
C TYR B 211 -11.76 -36.20 10.82
N GLU B 212 -12.65 -36.51 9.89
CA GLU B 212 -12.40 -37.58 8.93
C GLU B 212 -11.25 -37.22 7.99
N LEU B 213 -10.60 -38.25 7.46
CA LEU B 213 -9.51 -38.05 6.52
C LEU B 213 -10.05 -37.43 5.23
N PRO B 214 -9.22 -36.65 4.52
CA PRO B 214 -9.67 -36.10 3.22
C PRO B 214 -10.15 -37.16 2.24
N ALA B 215 -9.53 -38.34 2.22
CA ALA B 215 -9.96 -39.39 1.32
C ALA B 215 -11.35 -39.90 1.69
N GLU B 216 -11.62 -40.07 2.98
CA GLU B 216 -12.94 -40.50 3.42
C GLU B 216 -14.01 -39.47 3.07
N LEU B 217 -13.69 -38.19 3.20
CA LEU B 217 -14.65 -37.15 2.84
C LEU B 217 -14.92 -37.13 1.35
N ASP B 218 -13.90 -37.41 0.53
CA ASP B 218 -14.10 -37.44 -0.91
C ASP B 218 -14.93 -38.64 -1.34
N ALA B 219 -14.90 -39.73 -0.57
CA ALA B 219 -15.68 -40.91 -0.90
C ALA B 219 -17.17 -40.71 -0.62
N ASP B 220 -17.51 -39.95 0.41
CA ASP B 220 -18.91 -39.68 0.72
C ASP B 220 -19.51 -38.78 -0.34
N LYS B 221 -20.06 -39.38 -1.39
CA LYS B 221 -20.63 -38.60 -2.49
C LYS B 221 -21.91 -37.89 -2.08
N ALA B 222 -22.64 -38.43 -1.11
CA ALA B 222 -23.81 -37.73 -0.59
C ALA B 222 -23.41 -36.46 0.14
N LEU B 223 -22.28 -36.47 0.84
CA LEU B 223 -21.79 -35.26 1.50
C LEU B 223 -21.34 -34.23 0.46
N LEU B 224 -20.60 -34.66 -0.56
CA LEU B 224 -20.14 -33.74 -1.58
C LEU B 224 -21.30 -33.09 -2.32
N ALA B 225 -22.43 -33.79 -2.42
CA ALA B 225 -23.62 -33.21 -3.03
C ALA B 225 -24.24 -32.16 -2.11
N ARG B 226 -24.35 -32.45 -0.82
CA ARG B 226 -24.90 -31.49 0.13
C ARG B 226 -24.01 -30.26 0.24
N ILE B 227 -22.69 -30.43 0.10
CA ILE B 227 -21.79 -29.28 0.13
C ILE B 227 -21.97 -28.42 -1.11
N GLU B 228 -22.13 -29.05 -2.28
CA GLU B 228 -22.29 -28.29 -3.52
C GLU B 228 -23.59 -27.49 -3.52
N SER B 229 -24.67 -28.08 -2.99
CA SER B 229 -25.93 -27.35 -2.91
C SER B 229 -25.76 -26.05 -2.13
N ILE B 230 -24.93 -26.06 -1.10
CA ILE B 230 -24.71 -24.86 -0.30
C ILE B 230 -23.73 -23.92 -1.02
N ARG B 231 -22.73 -24.48 -1.71
CA ARG B 231 -21.73 -23.64 -2.37
C ARG B 231 -22.34 -22.87 -3.53
N LEU B 232 -23.11 -23.54 -4.38
CA LEU B 232 -23.77 -22.85 -5.48
C LEU B 232 -24.73 -21.79 -4.95
N GLN B 233 -25.44 -22.09 -3.87
CA GLN B 233 -26.37 -21.12 -3.30
C GLN B 233 -25.62 -19.96 -2.66
N ALA B 234 -24.52 -20.24 -1.98
CA ALA B 234 -23.77 -19.17 -1.31
C ALA B 234 -23.08 -18.26 -2.32
N GLY B 235 -22.57 -18.83 -3.41
CA GLY B 235 -21.91 -18.01 -4.42
C GLY B 235 -22.85 -16.99 -5.04
N LYS B 236 -24.05 -17.44 -5.42
CA LYS B 236 -25.03 -16.51 -5.97
C LYS B 236 -25.40 -15.42 -4.97
N ALA B 237 -25.49 -15.79 -3.68
CA ALA B 237 -25.84 -14.84 -2.64
C ALA B 237 -24.71 -13.87 -2.33
N MET B 238 -23.47 -14.22 -2.64
CA MET B 238 -22.32 -13.38 -2.34
C MET B 238 -21.98 -12.42 -3.47
N GLY B 239 -22.92 -12.16 -4.37
CA GLY B 239 -22.66 -11.27 -5.48
C GLY B 239 -22.08 -11.95 -6.70
N LEU B 240 -21.85 -13.26 -6.66
CA LEU B 240 -21.40 -14.03 -7.81
C LEU B 240 -22.63 -14.66 -8.47
N GLY B 241 -22.41 -15.65 -9.33
CA GLY B 241 -23.51 -16.30 -10.01
C GLY B 241 -23.08 -17.49 -10.84
N ASP B 242 -23.77 -18.63 -10.67
CA ASP B 242 -23.43 -19.88 -11.35
C ASP B 242 -21.94 -20.19 -11.19
N VAL B 243 -21.59 -20.51 -9.96
CA VAL B 243 -20.20 -20.81 -9.61
C VAL B 243 -19.89 -22.26 -9.95
N SER B 244 -20.74 -22.86 -10.79
CA SER B 244 -20.70 -24.29 -11.04
C SER B 244 -19.36 -24.74 -11.61
N ASN B 245 -18.66 -23.87 -12.34
CA ASN B 245 -17.33 -24.19 -12.85
C ASN B 245 -16.27 -23.19 -12.42
N MET B 246 -16.59 -22.30 -11.48
CA MET B 246 -15.60 -21.46 -10.83
C MET B 246 -15.10 -22.15 -9.56
N VAL B 247 -13.92 -21.74 -9.10
CA VAL B 247 -13.31 -22.39 -7.95
C VAL B 247 -13.60 -21.60 -6.69
N ILE B 248 -14.57 -20.67 -6.76
CA ILE B 248 -14.97 -19.89 -5.60
C ILE B 248 -16.49 -19.96 -5.47
N PRO B 249 -17.03 -19.94 -4.24
CA PRO B 249 -16.29 -19.86 -2.98
C PRO B 249 -15.66 -21.19 -2.58
N LYS B 250 -14.84 -21.17 -1.54
CA LYS B 250 -14.26 -22.38 -1.00
C LYS B 250 -15.09 -22.84 0.19
N PRO B 251 -15.80 -23.97 0.10
CA PRO B 251 -16.51 -24.47 1.28
C PRO B 251 -15.53 -25.02 2.31
N VAL B 252 -15.75 -24.66 3.57
CA VAL B 252 -14.89 -25.08 4.67
C VAL B 252 -15.77 -25.70 5.75
N LEU B 253 -15.57 -26.99 6.00
CA LEU B 253 -16.19 -27.64 7.15
C LEU B 253 -15.39 -27.33 8.40
N ILE B 254 -16.08 -26.87 9.46
CA ILE B 254 -15.40 -26.51 10.70
C ILE B 254 -15.93 -27.36 11.85
N SER B 255 -15.06 -27.57 12.83
CA SER B 255 -15.38 -28.29 14.05
C SER B 255 -14.39 -27.84 15.11
N PRO B 256 -14.67 -28.11 16.39
CA PRO B 256 -13.73 -27.71 17.44
C PRO B 256 -12.37 -28.35 17.27
N ALA B 257 -11.34 -27.65 17.72
CA ALA B 257 -9.99 -28.18 17.67
C ALA B 257 -9.83 -29.38 18.60
N GLN B 258 -8.91 -30.28 18.23
CA GLN B 258 -8.63 -31.46 19.04
C GLN B 258 -7.28 -31.44 19.74
N LYS B 259 -6.31 -30.67 19.24
CA LYS B 259 -4.97 -30.67 19.79
C LYS B 259 -4.61 -29.33 20.44
N GLY B 260 -5.61 -28.62 20.97
CA GLY B 260 -5.35 -27.38 21.68
C GLY B 260 -5.48 -26.11 20.87
N GLY B 261 -5.70 -26.22 19.56
CA GLY B 261 -5.84 -25.04 18.74
C GLY B 261 -7.17 -24.35 18.94
N ALA B 262 -7.45 -23.40 18.04
CA ALA B 262 -8.69 -22.63 18.10
C ALA B 262 -9.84 -23.29 17.34
N ILE B 263 -9.54 -24.03 16.28
CA ILE B 263 -10.58 -24.57 15.41
C ILE B 263 -9.96 -25.65 14.53
N ASN B 264 -10.78 -26.57 14.05
CA ASN B 264 -10.39 -27.60 13.10
C ASN B 264 -11.20 -27.42 11.82
N VAL B 265 -10.54 -27.58 10.67
CA VAL B 265 -11.18 -27.26 9.40
C VAL B 265 -10.93 -28.38 8.40
N ARG B 266 -11.85 -28.46 7.42
CA ARG B 266 -11.68 -29.30 6.23
C ARG B 266 -11.94 -28.42 5.02
N TYR B 267 -10.89 -28.20 4.22
CA TYR B 267 -10.89 -27.21 3.15
C TYR B 267 -11.12 -27.89 1.82
N PHE B 268 -12.06 -27.38 1.04
CA PHE B 268 -12.45 -27.99 -0.22
C PHE B 268 -12.11 -27.09 -1.39
N MET B 269 -11.67 -27.71 -2.49
CA MET B 269 -10.75 -27.06 -3.41
C MET B 269 -11.36 -26.39 -4.64
N PRO B 270 -12.71 -26.36 -4.84
CA PRO B 270 -14.07 -26.74 -4.40
C PRO B 270 -14.46 -28.22 -4.15
N HIS B 271 -14.12 -29.15 -5.04
CA HIS B 271 -14.78 -30.46 -5.00
C HIS B 271 -14.04 -31.52 -4.20
N SER B 272 -12.73 -31.41 -4.05
CA SER B 272 -11.96 -32.35 -3.27
C SER B 272 -11.53 -31.71 -1.95
N CYS B 273 -11.17 -32.54 -0.98
CA CYS B 273 -10.75 -32.06 0.33
C CYS B 273 -9.24 -31.83 0.32
N HIS B 274 -8.84 -30.62 0.69
CA HIS B 274 -7.42 -30.28 0.78
C HIS B 274 -6.74 -31.15 1.83
N ARG B 275 -5.56 -31.67 1.50
CA ARG B 275 -4.80 -32.47 2.44
C ARG B 275 -4.23 -31.65 3.59
N ALA B 276 -4.13 -30.34 3.41
CA ALA B 276 -3.69 -29.43 4.47
C ALA B 276 -4.65 -28.25 4.54
N LEU B 277 -4.13 -27.04 4.28
CA LEU B 277 -4.95 -25.84 4.33
C LEU B 277 -4.25 -24.72 3.58
N ALA B 278 -5.00 -24.01 2.74
CA ALA B 278 -4.44 -22.86 2.03
C ALA B 278 -4.27 -21.68 2.97
N ILE B 279 -3.17 -20.95 2.78
CA ILE B 279 -2.90 -19.78 3.62
C ILE B 279 -4.05 -18.78 3.54
N THR B 280 -4.56 -18.53 2.33
CA THR B 280 -5.69 -17.62 2.18
C THR B 280 -6.90 -18.13 2.93
N GLY B 281 -7.17 -19.43 2.83
CA GLY B 281 -8.26 -20.01 3.61
C GLY B 281 -8.05 -19.84 5.10
N ALA B 282 -6.81 -19.98 5.55
CA ALA B 282 -6.52 -19.77 6.97
C ALA B 282 -6.80 -18.34 7.39
N ILE B 283 -6.53 -17.37 6.50
CA ILE B 283 -6.86 -15.98 6.79
C ILE B 283 -8.36 -15.81 6.99
N ALA B 284 -9.14 -16.40 6.07
CA ALA B 284 -10.59 -16.26 6.15
C ALA B 284 -11.15 -16.94 7.40
N ILE B 285 -10.69 -18.14 7.71
CA ILE B 285 -11.20 -18.88 8.85
C ILE B 285 -10.85 -18.17 10.15
N SER B 286 -9.58 -17.77 10.30
CA SER B 286 -9.17 -17.08 11.52
C SER B 286 -9.94 -15.77 11.69
N SER B 287 -10.21 -15.08 10.58
CA SER B 287 -10.96 -13.82 10.66
C SER B 287 -12.36 -14.04 11.21
N SER B 288 -13.05 -15.09 10.74
CA SER B 288 -14.40 -15.36 11.26
C SER B 288 -14.37 -15.68 12.74
N CYS B 289 -13.27 -16.25 13.24
CA CYS B 289 -13.14 -16.48 14.68
C CYS B 289 -13.11 -15.18 15.46
N ALA B 290 -12.60 -14.10 14.85
CA ALA B 290 -12.45 -12.84 15.56
C ALA B 290 -13.61 -11.89 15.35
N LEU B 291 -14.28 -11.96 14.21
CA LEU B 291 -15.38 -11.05 13.92
C LEU B 291 -16.66 -11.49 14.64
N GLU B 292 -17.44 -10.50 15.05
CA GLU B 292 -18.65 -10.75 15.83
C GLU B 292 -19.77 -11.27 14.96
N GLY B 293 -20.51 -12.26 15.48
CA GLY B 293 -21.73 -12.71 14.86
C GLY B 293 -21.60 -13.77 13.80
N THR B 294 -20.41 -14.31 13.58
CA THR B 294 -20.25 -15.38 12.60
C THR B 294 -20.67 -16.71 13.19
N VAL B 295 -20.92 -17.68 12.30
CA VAL B 295 -21.32 -19.01 12.73
C VAL B 295 -20.19 -19.70 13.50
N THR B 296 -18.96 -19.22 13.35
CA THR B 296 -17.85 -19.78 14.09
C THR B 296 -18.02 -19.59 15.60
N ARG B 297 -18.67 -18.51 16.01
CA ARG B 297 -18.90 -18.26 17.42
C ARG B 297 -19.83 -19.28 18.06
N GLN B 298 -20.61 -20.01 17.26
CA GLN B 298 -21.49 -21.06 17.75
C GLN B 298 -20.83 -22.43 17.79
N ILE B 299 -19.57 -22.53 17.33
CA ILE B 299 -18.90 -23.81 17.18
C ILE B 299 -17.69 -23.94 18.09
N VAL B 300 -16.88 -22.88 18.20
CA VAL B 300 -15.65 -22.93 18.97
C VAL B 300 -15.69 -21.81 20.00
N PRO B 301 -14.95 -21.94 21.10
CA PRO B 301 -14.85 -20.85 22.06
C PRO B 301 -14.23 -19.61 21.45
N SER B 302 -14.57 -18.45 22.03
CA SER B 302 -14.06 -17.18 21.54
C SER B 302 -12.55 -17.12 21.67
N VAL B 303 -11.90 -16.47 20.70
CA VAL B 303 -10.46 -16.38 20.67
C VAL B 303 -9.95 -14.95 20.86
N GLY B 304 -10.71 -13.94 20.44
CA GLY B 304 -10.20 -12.58 20.47
C GLY B 304 -9.17 -12.36 19.38
N TYR B 305 -8.27 -11.41 19.63
CA TYR B 305 -7.15 -11.14 18.74
C TYR B 305 -5.87 -11.74 19.30
N GLY B 306 -4.91 -11.97 18.41
CA GLY B 306 -3.64 -12.59 18.76
C GLY B 306 -3.37 -13.81 17.89
N ASN B 307 -2.78 -14.83 18.51
CA ASN B 307 -2.43 -16.06 17.80
C ASN B 307 -3.66 -16.97 17.71
N ILE B 308 -4.03 -17.34 16.49
CA ILE B 308 -5.16 -18.21 16.24
C ILE B 308 -4.66 -19.44 15.50
N ASN B 309 -4.75 -20.59 16.15
CA ASN B 309 -4.21 -21.84 15.63
C ASN B 309 -5.32 -22.60 14.90
N ILE B 310 -5.12 -22.85 13.61
CA ILE B 310 -6.09 -23.54 12.75
C ILE B 310 -5.58 -24.94 12.48
N GLU B 311 -6.36 -25.95 12.90
CA GLU B 311 -6.01 -27.34 12.68
C GLU B 311 -6.60 -27.82 11.36
N HIS B 312 -5.85 -28.68 10.67
CA HIS B 312 -6.23 -29.19 9.36
C HIS B 312 -5.75 -30.62 9.27
N PRO B 313 -6.14 -31.35 8.21
CA PRO B 313 -5.83 -32.80 8.15
C PRO B 313 -4.37 -33.18 8.44
N SER B 314 -3.40 -32.33 8.12
CA SER B 314 -2.00 -32.72 8.23
C SER B 314 -1.20 -31.82 9.18
N GLY B 315 -1.85 -31.14 10.10
CA GLY B 315 -1.11 -30.33 11.06
C GLY B 315 -1.93 -29.14 11.51
N ALA B 316 -1.22 -28.08 11.88
CA ALA B 316 -1.84 -26.85 12.34
C ALA B 316 -1.06 -25.66 11.82
N LEU B 317 -1.71 -24.50 11.80
CA LEU B 317 -1.12 -23.28 11.27
C LEU B 317 -1.49 -22.13 12.18
N ASP B 318 -0.50 -21.31 12.55
CA ASP B 318 -0.72 -20.15 13.39
C ASP B 318 -0.98 -18.92 12.53
N VAL B 319 -2.07 -18.21 12.82
CA VAL B 319 -2.39 -16.94 12.17
C VAL B 319 -2.49 -15.88 13.26
N HIS B 320 -1.74 -14.80 13.09
N HIS B 320 -1.77 -14.79 13.07
CA HIS B 320 -1.78 -13.67 14.01
CA HIS B 320 -1.77 -13.68 14.01
C HIS B 320 -2.71 -12.61 13.44
C HIS B 320 -2.68 -12.57 13.48
N LEU B 321 -3.75 -12.27 14.21
CA LEU B 321 -4.70 -11.23 13.83
C LEU B 321 -4.44 -9.97 14.63
N SER B 322 -4.88 -8.85 14.07
CA SER B 322 -4.61 -7.53 14.62
C SER B 322 -5.58 -6.54 13.96
N ASN B 323 -6.02 -5.56 14.74
CA ASN B 323 -6.95 -4.56 14.20
C ASN B 323 -6.81 -3.27 15.01
N GLU B 324 -6.33 -2.21 14.36
CA GLU B 324 -6.25 -0.89 14.97
C GLU B 324 -7.48 -0.03 14.69
N GLY B 325 -8.35 -0.47 13.78
CA GLY B 325 -9.58 0.22 13.49
C GLY B 325 -10.78 -0.43 14.15
N GLN B 326 -11.96 0.00 13.71
CA GLN B 326 -13.23 -0.51 14.24
C GLN B 326 -13.87 -1.53 13.31
N ASP B 327 -13.83 -1.31 12.00
CA ASP B 327 -14.49 -2.19 11.04
C ASP B 327 -13.65 -3.45 10.81
N ALA B 328 -14.29 -4.43 10.16
CA ALA B 328 -13.60 -5.63 9.72
C ALA B 328 -12.73 -5.39 8.49
N THR B 329 -12.85 -4.23 7.85
CA THR B 329 -12.04 -3.93 6.67
C THR B 329 -10.59 -3.62 7.03
N THR B 330 -10.31 -3.30 8.29
CA THR B 330 -8.95 -3.02 8.73
C THR B 330 -8.32 -4.20 9.46
N LEU B 331 -8.98 -5.35 9.48
CA LEU B 331 -8.43 -6.52 10.14
C LEU B 331 -7.19 -7.01 9.39
N ARG B 332 -6.07 -7.14 10.09
CA ARG B 332 -4.79 -7.48 9.49
C ARG B 332 -4.35 -8.86 9.97
N ALA B 333 -3.93 -9.71 9.03
CA ALA B 333 -3.52 -11.07 9.32
C ALA B 333 -2.07 -11.29 8.88
N SER B 334 -1.31 -12.00 9.71
CA SER B 334 0.06 -12.34 9.38
C SER B 334 0.33 -13.80 9.73
N VAL B 335 1.25 -14.41 9.00
CA VAL B 335 1.62 -15.80 9.17
C VAL B 335 3.14 -15.90 9.14
N ILE B 336 3.69 -16.79 9.97
CA ILE B 336 5.12 -17.09 9.94
C ILE B 336 5.34 -18.32 9.06
N ARG B 337 6.31 -18.24 8.17
CA ARG B 337 6.74 -19.39 7.38
C ARG B 337 8.26 -19.49 7.49
N THR B 338 8.82 -20.48 6.80
CA THR B 338 10.26 -20.54 6.58
C THR B 338 10.50 -20.82 5.10
N THR B 339 11.71 -20.48 4.65
CA THR B 339 12.11 -20.73 3.28
C THR B 339 13.59 -21.10 3.26
N ARG B 340 14.03 -21.69 2.15
CA ARG B 340 15.43 -22.05 2.01
C ARG B 340 15.79 -22.09 0.53
N LYS B 341 16.94 -21.52 0.19
CA LYS B 341 17.48 -21.64 -1.15
C LYS B 341 18.16 -23.01 -1.29
N ILE B 342 17.75 -23.76 -2.30
CA ILE B 342 18.23 -25.13 -2.50
C ILE B 342 19.23 -25.22 -3.65
N PHE B 343 18.87 -24.71 -4.82
N PHE B 343 18.83 -24.81 -4.85
CA PHE B 343 19.66 -24.88 -6.04
CA PHE B 343 19.67 -24.83 -6.03
C PHE B 343 19.68 -23.58 -6.83
C PHE B 343 19.70 -23.45 -6.65
N SER B 344 20.87 -23.08 -7.15
CA SER B 344 21.02 -21.88 -7.96
C SER B 344 21.91 -22.20 -9.15
N GLY B 345 21.46 -21.85 -10.35
CA GLY B 345 22.24 -22.13 -11.55
C GLY B 345 21.46 -22.07 -12.83
N GLU B 346 21.65 -23.07 -13.70
CA GLU B 346 21.08 -23.08 -15.04
C GLU B 346 20.27 -24.35 -15.23
N VAL B 347 19.06 -24.20 -15.76
CA VAL B 347 18.20 -25.33 -16.10
C VAL B 347 18.15 -25.43 -17.62
N TYR B 348 18.26 -26.65 -18.14
CA TYR B 348 18.31 -26.91 -19.56
C TYR B 348 17.01 -27.53 -20.02
N LEU B 349 16.54 -27.13 -21.20
CA LEU B 349 15.24 -27.53 -21.71
C LEU B 349 15.40 -28.54 -22.84
N PRO B 350 14.61 -29.62 -22.85
CA PRO B 350 14.69 -30.67 -23.88
C PRO B 350 14.30 -30.19 -25.27
C ACT C . -1.56 22.30 -0.55
O ACT C . -0.75 21.50 0.02
OXT ACT C . -2.28 22.09 -1.57
CH3 ACT C . -1.72 23.71 0.10
C1 EDO D . 0.25 7.11 -8.42
O1 EDO D . -0.49 5.89 -8.58
C2 EDO D . 1.47 6.84 -7.53
O2 EDO D . 1.95 8.07 -6.98
C1 EDO E . 19.06 21.35 5.40
O1 EDO E . 17.84 21.38 4.68
C2 EDO E . 18.96 22.32 6.57
O2 EDO E . 20.22 22.54 7.19
C1 EDO F . 24.02 28.58 4.32
O1 EDO F . 23.04 29.07 3.41
C2 EDO F . 25.01 27.69 3.59
O2 EDO F . 25.93 27.10 4.52
C ACT G . 2.55 41.76 20.15
O ACT G . 1.66 42.63 20.38
OXT ACT G . 2.52 40.80 19.34
CH3 ACT G . 3.83 41.90 21.01
C ACT H . 21.28 19.74 10.91
O ACT H . 21.44 20.86 10.33
OXT ACT H . 20.26 19.01 10.97
CH3 ACT H . 22.55 19.22 11.67
P PO4 I . 3.40 22.12 1.06
O1 PO4 I . 2.37 23.23 1.05
O2 PO4 I . 4.06 22.05 2.42
O3 PO4 I . 2.73 20.80 0.74
O4 PO4 I . 4.46 22.41 0.02
P PO4 J . -2.84 33.48 8.68
O1 PO4 J . -3.30 34.33 9.83
O2 PO4 J . -1.61 34.09 8.05
O3 PO4 J . -2.51 32.09 9.19
O4 PO4 J . -3.95 33.39 7.66
C1 EDO K . -9.16 38.84 24.57
O1 EDO K . -9.87 38.57 25.78
C2 EDO K . -8.44 40.17 24.68
O2 EDO K . -7.58 40.35 23.55
C1 EDO L . 0.09 5.96 19.46
O1 EDO L . -0.55 5.49 18.27
C2 EDO L . 0.00 7.47 19.54
O2 EDO L . -1.37 7.89 19.51
C1 EDO M . -6.87 8.08 -17.43
O1 EDO M . -7.24 9.41 -17.07
C2 EDO M . -5.97 7.47 -16.37
O2 EDO M . -6.65 7.48 -15.10
C1 EDO N . 20.40 17.59 15.77
O1 EDO N . 20.13 18.82 15.10
C2 EDO N . 19.16 17.13 16.52
O2 EDO N . 18.00 17.33 15.70
C1 EDO O . 5.91 1.58 -10.54
O1 EDO O . 5.36 2.20 -11.71
C2 EDO O . 6.79 2.55 -9.76
O2 EDO O . 7.97 2.85 -10.52
C1 EDO P . 20.15 26.85 0.68
O1 EDO P . 18.94 26.42 1.31
C2 EDO P . 21.23 27.11 1.74
O2 EDO P . 21.58 25.88 2.38
C ACT Q . -5.41 -21.60 -2.78
O ACT Q . -6.63 -21.32 -2.70
OXT ACT Q . -4.41 -20.92 -2.44
CH3 ACT Q . -5.11 -23.01 -3.40
C ACT R . 18.52 -24.36 7.40
O ACT R . 19.72 -24.27 7.82
OXT ACT R . 17.65 -25.24 7.63
CH3 ACT R . 18.08 -23.19 6.47
C1 EDO S . -7.07 -5.72 4.88
O1 EDO S . -8.22 -6.58 4.89
C2 EDO S . -5.89 -6.42 5.56
O2 EDO S . -5.52 -7.59 4.82
P PO4 T . -1.11 -22.52 -0.08
O1 PO4 T . -1.54 -21.07 -0.17
O2 PO4 T . 0.36 -22.65 -0.43
O3 PO4 T . -1.31 -23.02 1.33
O4 PO4 T . -1.94 -23.35 -1.03
P PO4 U . -1.42 -33.13 -10.65
O1 PO4 U . -0.57 -31.89 -10.55
O2 PO4 U . -1.24 -33.97 -9.40
O3 PO4 U . -2.87 -32.74 -10.81
O4 PO4 U . -0.99 -33.95 -11.86
C1 EDO V . -4.79 -2.95 11.64
O1 EDO V . -5.65 -1.92 11.17
C2 EDO V . -3.33 -2.53 11.57
O2 EDO V . -2.56 -3.44 12.36
C1 EDO W . 21.39 -21.83 2.20
O1 EDO W . 20.06 -21.66 1.67
C2 EDO W . 21.30 -22.37 3.63
O2 EDO W . 20.45 -23.52 3.66
C1 EDO X . -18.82 -6.14 5.66
O1 EDO X . -19.49 -6.41 4.42
C2 EDO X . -17.95 -4.90 5.50
O2 EDO X . -17.02 -5.08 4.43
C1 EDO Y . 13.43 -9.07 -13.40
O1 EDO Y . 12.45 -9.24 -14.42
C2 EDO Y . 13.69 -7.58 -13.16
O2 EDO Y . 12.46 -6.92 -12.80
C1 EDO Z . 6.71 -38.83 -6.02
O1 EDO Z . 6.05 -38.42 -7.23
C2 EDO Z . 6.33 -37.89 -4.90
O2 EDO Z . 6.96 -38.32 -3.68
#